data_1O1S
#
_entry.id   1O1S
#
_cell.length_a   171.83
_cell.length_b   171.83
_cell.length_c   69.09
_cell.angle_alpha   90.0
_cell.angle_beta   90.0
_cell.angle_gamma   120.0
#
_symmetry.space_group_name_H-M   'P 61'
#
loop_
_entity.id
_entity.type
_entity.pdbx_description
1 polymer 'Protein farnesyltransferase alpha subunit'
2 polymer 'Protein farnesyltransferase beta subunit'
3 non-polymer 'ZINC ION'
4 non-polymer '(2E,6E)-8-[(3-BENZOYLBENZYL)OXY]-3,7-DIMETHYLOCTA-2,6-DIENYL TRIHYDROGEN DIPHOSPHATE'
5 water water
#
loop_
_entity_poly.entity_id
_entity_poly.type
_entity_poly.pdbx_seq_one_letter_code
_entity_poly.pdbx_strand_id
1 'polypeptide(L)'
;GSHMAATEGVGESAPGGEPGQPEQPPPPPPPPPAQQPQEEEMAAEAGEAAASPMDDGFLSLDSPTYVLYRDRAEWADIDP
VPQNDGPSPVVQIIYSEKFRDVYDYFRAVLQRDERSERAFKLTRDAIELNAANYTVWHFRRVLLRSLQKDLQEEMNYITA
IIEEQPKNYQVWHHRRVLVEWLKDPSQELEFIADILNQDAKNYHAWQHRQWVIQEFRLWDNELQYVDQLLKEDVRNNSVW
NQRHFVISNTTGYSDRAVLEREVQYTLEMIKLVPHNESAWNYLKGILQDRGLSRYPNLLNQLLDLQPSHSSPYLIAFLVD
IYEDMLENQCDNKEDILNKALELCEILAKEKDTIRKEYWRYIGRSLQSKHSRESDIPASV
;
A
2 'polypeptide(L)'
;MASSSSFTYYCPPSSSPVWSEPLYSLRPEHARERLQDDSVETVTSIEQAKVEEKIQEVFSSYKFNHLVPRLVLQREKHFH
YLKRGLRQLTDAYECLDASRPWLCYWILHSLELLDEPIPQIVATDVCQFLELCQSPDGGFGGGPGQYPHLAPTYAAVNAL
CIIGTEEAYNVINREKLLQYLYSLKQPDGSFLMHVGGEVDVRSAYCAASVASLTNIITPDLFEGTAEWIARCQNWEGGIG
GVPGMEAHGGYTFCGLAALVILKKERSLNLKSLLQWVTSRQMRFEGGFQGRCNKLVDGCYSFWQAGLLPLLHRALHAQGD
PALSMSHWMFHQQALQEYILMCCQCPAGGLLDKPGKSRDFYHTCYCLSGLSIAQHFGSGAMLHDVVMGVPENVLQPTHPV
YNIGPDKVIQATTHFLQKPVPGFEECE
;
B
#
# COMPACT_ATOMS: atom_id res chain seq x y z
N GLY A 57 35.50 -17.79 -6.67
CA GLY A 57 35.47 -17.49 -8.14
C GLY A 57 34.10 -17.06 -8.64
N PHE A 58 33.76 -15.79 -8.42
CA PHE A 58 32.46 -15.24 -8.85
C PHE A 58 32.38 -14.65 -10.26
N LEU A 59 32.03 -15.47 -11.24
CA LEU A 59 31.90 -14.99 -12.60
C LEU A 59 30.64 -14.12 -12.67
N SER A 60 30.85 -12.80 -12.74
CA SER A 60 29.76 -11.84 -12.79
C SER A 60 28.72 -12.16 -13.87
N LEU A 61 27.46 -11.98 -13.49
CA LEU A 61 26.34 -12.22 -14.37
C LEU A 61 26.43 -11.19 -15.49
N ASP A 62 27.14 -10.10 -15.20
CA ASP A 62 27.31 -8.98 -16.15
C ASP A 62 28.61 -9.06 -16.93
N SER A 63 29.51 -9.93 -16.48
CA SER A 63 30.82 -10.13 -17.11
C SER A 63 30.68 -10.42 -18.59
N PRO A 64 31.54 -9.79 -19.42
CA PRO A 64 31.50 -10.01 -20.87
C PRO A 64 31.75 -11.47 -21.23
N THR A 65 32.47 -12.16 -20.35
CA THR A 65 32.80 -13.56 -20.57
C THR A 65 31.98 -14.49 -19.67
N TYR A 66 30.75 -14.08 -19.36
CA TYR A 66 29.89 -14.90 -18.51
C TYR A 66 29.44 -16.02 -19.44
N VAL A 67 29.43 -17.25 -18.93
CA VAL A 67 29.00 -18.41 -19.72
C VAL A 67 27.83 -19.13 -19.06
N LEU A 68 26.86 -19.56 -19.87
CA LEU A 68 25.72 -20.31 -19.34
C LEU A 68 26.21 -21.45 -18.46
N TYR A 69 25.38 -21.82 -17.48
CA TYR A 69 25.72 -22.89 -16.57
C TYR A 69 25.83 -24.24 -17.29
N ARG A 70 25.04 -24.41 -18.35
CA ARG A 70 25.06 -25.64 -19.13
C ARG A 70 26.34 -25.74 -19.92
N ASP A 71 26.93 -24.60 -20.24
CA ASP A 71 28.19 -24.57 -20.96
C ASP A 71 29.31 -24.54 -19.91
N ARG A 72 29.06 -25.05 -18.71
CA ARG A 72 30.07 -25.06 -17.63
C ARG A 72 30.37 -26.46 -17.09
N ALA A 73 31.63 -26.88 -17.20
CA ALA A 73 32.09 -28.21 -16.78
C ALA A 73 31.98 -28.59 -15.30
N GLU A 74 32.29 -27.64 -14.42
CA GLU A 74 32.22 -27.91 -12.99
C GLU A 74 30.78 -28.11 -12.54
N TRP A 75 29.86 -28.05 -13.50
CA TRP A 75 28.43 -28.25 -13.29
C TRP A 75 27.90 -29.46 -14.01
N ALA A 76 28.56 -29.84 -15.10
CA ALA A 76 28.23 -30.96 -16.01
C ALA A 76 27.54 -32.21 -15.47
N ASP A 77 27.91 -32.63 -14.27
CA ASP A 77 27.31 -33.80 -13.66
C ASP A 77 25.80 -33.63 -13.48
N ILE A 78 25.42 -32.57 -12.77
CA ILE A 78 24.00 -32.26 -12.48
C ILE A 78 23.13 -31.89 -13.68
N ASP A 79 22.00 -32.56 -13.80
CA ASP A 79 21.08 -32.33 -14.89
C ASP A 79 20.09 -31.25 -14.43
N PRO A 80 19.84 -30.24 -15.28
CA PRO A 80 18.94 -29.12 -15.03
C PRO A 80 17.43 -29.40 -15.11
N VAL A 81 16.76 -29.15 -14.00
CA VAL A 81 15.32 -29.35 -13.87
C VAL A 81 14.56 -28.15 -14.43
N PRO A 82 13.91 -28.29 -15.58
CA PRO A 82 13.17 -27.15 -16.14
C PRO A 82 11.87 -26.89 -15.38
N GLN A 83 11.22 -25.77 -15.67
CA GLN A 83 10.00 -25.41 -14.97
C GLN A 83 8.76 -26.03 -15.57
N ASN A 84 8.01 -26.71 -14.70
CA ASN A 84 6.76 -27.36 -15.06
C ASN A 84 5.59 -26.36 -14.97
N ASP A 85 5.30 -25.71 -16.09
CA ASP A 85 4.21 -24.73 -16.16
C ASP A 85 2.91 -25.39 -16.62
N GLY A 86 2.98 -26.69 -16.89
CA GLY A 86 1.81 -27.42 -17.34
C GLY A 86 1.61 -27.39 -18.85
N PRO A 87 0.81 -28.34 -19.38
CA PRO A 87 0.51 -28.45 -20.80
C PRO A 87 -0.18 -27.21 -21.37
N SER A 88 -0.82 -26.45 -20.50
CA SER A 88 -1.50 -25.24 -20.94
C SER A 88 -1.16 -24.07 -20.04
N PRO A 89 0.07 -23.54 -20.15
CA PRO A 89 0.55 -22.42 -19.36
C PRO A 89 -0.24 -21.14 -19.49
N VAL A 90 -0.35 -20.41 -18.38
CA VAL A 90 -1.02 -19.11 -18.33
C VAL A 90 0.01 -18.13 -17.74
N VAL A 91 -0.20 -16.83 -17.98
CA VAL A 91 0.72 -15.76 -17.53
C VAL A 91 2.14 -16.30 -17.57
N GLN A 92 2.45 -16.93 -18.70
CA GLN A 92 3.74 -17.56 -18.93
C GLN A 92 4.80 -16.58 -19.40
N ILE A 93 5.92 -16.55 -18.68
CA ILE A 93 6.98 -15.62 -19.00
C ILE A 93 7.97 -16.19 -19.98
N ILE A 94 8.19 -15.47 -21.07
CA ILE A 94 9.14 -15.90 -22.10
C ILE A 94 10.54 -15.56 -21.58
N TYR A 95 11.07 -16.42 -20.74
CA TYR A 95 12.38 -16.19 -20.14
C TYR A 95 13.47 -15.98 -21.14
N SER A 96 14.50 -15.28 -20.71
CA SER A 96 15.67 -15.07 -21.51
C SER A 96 16.44 -16.36 -21.34
N GLU A 97 17.43 -16.59 -22.18
CA GLU A 97 18.24 -17.79 -22.11
C GLU A 97 19.00 -17.88 -20.79
N LYS A 98 19.52 -16.74 -20.34
CA LYS A 98 20.28 -16.63 -19.07
C LYS A 98 19.39 -16.88 -17.84
N PHE A 99 18.22 -16.24 -17.82
CA PHE A 99 17.29 -16.39 -16.72
C PHE A 99 16.94 -17.86 -16.61
N ARG A 100 16.43 -18.38 -17.73
CA ARG A 100 16.03 -19.77 -17.88
C ARG A 100 17.14 -20.74 -17.44
N ASP A 101 18.37 -20.46 -17.89
CA ASP A 101 19.53 -21.29 -17.59
C ASP A 101 19.82 -21.36 -16.10
N VAL A 102 20.01 -20.20 -15.45
CA VAL A 102 20.29 -20.17 -14.02
C VAL A 102 19.18 -20.84 -13.18
N TYR A 103 17.92 -20.61 -13.56
CA TYR A 103 16.82 -21.19 -12.80
C TYR A 103 16.63 -22.70 -12.95
N ASP A 104 17.00 -23.24 -14.12
CA ASP A 104 16.90 -24.68 -14.32
C ASP A 104 17.91 -25.34 -13.44
N TYR A 105 19.04 -24.69 -13.27
CA TYR A 105 20.07 -25.23 -12.41
C TYR A 105 19.74 -25.00 -10.95
N PHE A 106 19.12 -23.86 -10.63
CA PHE A 106 18.74 -23.56 -9.24
C PHE A 106 17.78 -24.67 -8.82
N ARG A 107 16.80 -24.93 -9.68
CA ARG A 107 15.79 -25.94 -9.45
C ARG A 107 16.44 -27.29 -9.14
N ALA A 108 17.43 -27.65 -9.94
CA ALA A 108 18.14 -28.90 -9.76
C ALA A 108 18.84 -29.01 -8.41
N VAL A 109 19.67 -28.03 -8.04
CA VAL A 109 20.36 -28.13 -6.75
C VAL A 109 19.41 -28.09 -5.55
N LEU A 110 18.27 -27.45 -5.73
CA LEU A 110 17.26 -27.30 -4.67
C LEU A 110 16.46 -28.59 -4.54
N GLN A 111 16.08 -29.16 -5.68
CA GLN A 111 15.32 -30.42 -5.68
C GLN A 111 16.14 -31.49 -4.98
N ARG A 112 17.46 -31.45 -5.17
CA ARG A 112 18.31 -32.43 -4.52
C ARG A 112 18.87 -31.91 -3.22
N ASP A 113 18.48 -30.70 -2.87
CA ASP A 113 18.92 -30.08 -1.63
C ASP A 113 20.44 -30.16 -1.42
N GLU A 114 21.16 -29.90 -2.52
CA GLU A 114 22.62 -29.91 -2.56
C GLU A 114 23.23 -28.66 -1.91
N ARG A 115 23.70 -28.81 -0.68
CA ARG A 115 24.26 -27.70 0.04
C ARG A 115 25.75 -27.51 -0.19
N SER A 116 26.08 -27.18 -1.44
CA SER A 116 27.44 -26.97 -1.86
C SER A 116 27.80 -25.52 -2.10
N GLU A 117 29.10 -25.26 -2.06
CA GLU A 117 29.65 -23.93 -2.29
C GLU A 117 29.28 -23.48 -3.70
N ARG A 118 29.10 -24.44 -4.60
CA ARG A 118 28.73 -24.11 -5.96
C ARG A 118 27.27 -23.65 -5.96
N ALA A 119 26.43 -24.32 -5.16
CA ALA A 119 25.01 -23.97 -5.07
C ALA A 119 24.89 -22.56 -4.48
N PHE A 120 25.72 -22.28 -3.47
CA PHE A 120 25.74 -20.99 -2.81
C PHE A 120 26.02 -19.87 -3.82
N LYS A 121 26.99 -20.11 -4.70
CA LYS A 121 27.34 -19.13 -5.70
C LYS A 121 26.28 -18.93 -6.77
N LEU A 122 25.55 -19.99 -7.11
CA LEU A 122 24.50 -19.89 -8.12
C LEU A 122 23.30 -19.07 -7.61
N THR A 123 22.95 -19.23 -6.32
CA THR A 123 21.84 -18.48 -5.78
C THR A 123 22.06 -16.98 -5.99
N ARG A 124 23.30 -16.57 -5.85
CA ARG A 124 23.64 -15.17 -6.05
C ARG A 124 23.23 -14.73 -7.46
N ASP A 125 23.41 -15.61 -8.45
CA ASP A 125 23.05 -15.26 -9.82
C ASP A 125 21.53 -15.24 -9.98
N ALA A 126 20.86 -16.18 -9.31
CA ALA A 126 19.42 -16.28 -9.37
C ALA A 126 18.76 -15.11 -8.63
N ILE A 127 19.47 -14.58 -7.64
CA ILE A 127 18.95 -13.45 -6.88
C ILE A 127 19.07 -12.19 -7.72
N GLU A 128 20.20 -12.06 -8.41
CA GLU A 128 20.43 -10.90 -9.26
C GLU A 128 19.44 -10.87 -10.44
N LEU A 129 18.98 -12.04 -10.88
CA LEU A 129 18.02 -12.12 -11.98
C LEU A 129 16.64 -11.77 -11.49
N ASN A 130 16.34 -12.14 -10.25
CA ASN A 130 15.06 -11.81 -9.65
C ASN A 130 15.24 -11.75 -8.14
N ALA A 131 15.48 -10.54 -7.63
CA ALA A 131 15.71 -10.35 -6.20
C ALA A 131 14.48 -10.58 -5.34
N ALA A 132 13.32 -10.72 -5.99
CA ALA A 132 12.07 -10.94 -5.28
C ALA A 132 11.75 -12.42 -5.07
N ASN A 133 12.61 -13.30 -5.58
CA ASN A 133 12.37 -14.73 -5.42
C ASN A 133 12.76 -15.11 -4.01
N TYR A 134 11.76 -15.20 -3.16
CA TYR A 134 11.96 -15.52 -1.76
C TYR A 134 12.44 -16.96 -1.51
N THR A 135 12.14 -17.87 -2.44
CA THR A 135 12.56 -19.27 -2.31
C THR A 135 14.07 -19.37 -2.41
N VAL A 136 14.64 -18.63 -3.36
CA VAL A 136 16.08 -18.60 -3.56
C VAL A 136 16.72 -17.96 -2.35
N TRP A 137 16.16 -16.84 -1.89
CA TRP A 137 16.69 -16.18 -0.70
C TRP A 137 16.68 -17.15 0.49
N HIS A 138 15.66 -18.01 0.54
CA HIS A 138 15.53 -18.98 1.61
C HIS A 138 16.66 -19.99 1.53
N PHE A 139 16.79 -20.66 0.39
CA PHE A 139 17.87 -21.64 0.20
C PHE A 139 19.21 -20.98 0.51
N ARG A 140 19.41 -19.74 0.05
CA ARG A 140 20.65 -19.04 0.34
C ARG A 140 20.93 -18.91 1.83
N ARG A 141 19.90 -18.68 2.63
CA ARG A 141 20.17 -18.58 4.04
C ARG A 141 20.45 -19.97 4.60
N VAL A 142 19.86 -20.99 3.98
CA VAL A 142 20.09 -22.37 4.37
C VAL A 142 21.59 -22.65 4.21
N LEU A 143 22.12 -22.38 3.01
CA LEU A 143 23.53 -22.57 2.68
C LEU A 143 24.48 -21.68 3.49
N LEU A 144 24.03 -20.50 3.91
CA LEU A 144 24.92 -19.64 4.70
C LEU A 144 25.28 -20.33 6.02
N ARG A 145 24.32 -21.06 6.61
CA ARG A 145 24.55 -21.76 7.88
C ARG A 145 25.25 -23.10 7.72
N SER A 146 24.89 -23.87 6.69
CA SER A 146 25.56 -25.15 6.42
C SER A 146 27.05 -24.91 6.15
N LEU A 147 27.38 -24.26 5.03
CA LEU A 147 28.76 -24.00 4.68
C LEU A 147 29.47 -23.14 5.72
N GLN A 148 28.73 -22.66 6.73
CA GLN A 148 29.35 -21.81 7.72
C GLN A 148 30.10 -20.64 7.04
N LYS A 149 29.38 -19.90 6.20
CA LYS A 149 29.94 -18.76 5.46
C LYS A 149 30.28 -17.60 6.38
N ASP A 150 31.25 -16.79 5.98
CA ASP A 150 31.61 -15.63 6.78
C ASP A 150 30.44 -14.65 6.61
N LEU A 151 29.69 -14.43 7.69
CA LEU A 151 28.52 -13.55 7.67
C LEU A 151 28.89 -12.08 7.49
N GLN A 152 30.15 -11.74 7.71
CA GLN A 152 30.57 -10.36 7.52
C GLN A 152 30.74 -10.12 6.01
N GLU A 153 31.22 -11.12 5.28
CA GLU A 153 31.40 -10.99 3.84
C GLU A 153 29.99 -10.91 3.23
N GLU A 154 29.05 -11.63 3.84
CA GLU A 154 27.66 -11.64 3.40
C GLU A 154 27.01 -10.26 3.69
N MET A 155 27.47 -9.56 4.73
CA MET A 155 26.95 -8.25 5.02
C MET A 155 27.44 -7.32 3.93
N ASN A 156 28.63 -7.60 3.42
CA ASN A 156 29.18 -6.79 2.35
C ASN A 156 28.37 -7.00 1.08
N TYR A 157 27.98 -8.25 0.86
CA TYR A 157 27.17 -8.62 -0.29
C TYR A 157 25.83 -7.88 -0.22
N ILE A 158 25.09 -8.12 0.87
CA ILE A 158 23.78 -7.49 1.02
C ILE A 158 23.83 -5.96 1.03
N THR A 159 24.95 -5.36 1.45
CA THR A 159 25.08 -3.91 1.45
C THR A 159 25.10 -3.42 0.00
N ALA A 160 25.78 -4.19 -0.85
CA ALA A 160 25.92 -3.86 -2.24
C ALA A 160 24.61 -4.01 -3.00
N ILE A 161 23.92 -5.13 -2.82
CA ILE A 161 22.68 -5.33 -3.54
C ILE A 161 21.52 -4.47 -3.06
N ILE A 162 21.58 -4.00 -1.82
CA ILE A 162 20.55 -3.11 -1.32
C ILE A 162 20.80 -1.75 -1.97
N GLU A 163 22.06 -1.37 -2.16
CA GLU A 163 22.37 -0.08 -2.80
C GLU A 163 21.81 -0.09 -4.22
N GLU A 164 21.87 -1.25 -4.88
CA GLU A 164 21.36 -1.44 -6.24
C GLU A 164 19.83 -1.55 -6.32
N GLN A 165 19.22 -2.28 -5.37
CA GLN A 165 17.77 -2.48 -5.34
C GLN A 165 17.24 -2.15 -3.96
N PRO A 166 17.25 -0.86 -3.55
CA PRO A 166 16.78 -0.43 -2.22
C PRO A 166 15.30 -0.54 -1.94
N LYS A 167 14.50 -0.79 -2.96
CA LYS A 167 13.06 -0.88 -2.79
C LYS A 167 12.54 -2.30 -2.78
N ASN A 168 13.46 -3.25 -2.66
CA ASN A 168 13.13 -4.65 -2.62
C ASN A 168 12.99 -5.08 -1.15
N TYR A 169 11.96 -5.87 -0.85
CA TYR A 169 11.71 -6.35 0.52
C TYR A 169 12.72 -7.40 0.97
N GLN A 170 12.93 -8.41 0.11
CA GLN A 170 13.86 -9.50 0.41
C GLN A 170 15.26 -9.07 0.80
N VAL A 171 15.83 -8.12 0.07
CA VAL A 171 17.17 -7.67 0.36
C VAL A 171 17.26 -7.11 1.77
N TRP A 172 16.23 -6.37 2.20
CA TRP A 172 16.19 -5.78 3.54
C TRP A 172 15.94 -6.79 4.67
N HIS A 173 15.05 -7.76 4.41
CA HIS A 173 14.75 -8.81 5.39
C HIS A 173 16.03 -9.62 5.61
N HIS A 174 16.73 -9.93 4.53
CA HIS A 174 17.98 -10.67 4.59
C HIS A 174 19.02 -9.95 5.46
N ARG A 175 19.14 -8.64 5.29
CA ARG A 175 20.07 -7.87 6.08
C ARG A 175 19.72 -7.95 7.56
N ARG A 176 18.41 -7.95 7.85
CA ARG A 176 17.92 -8.02 9.22
C ARG A 176 18.30 -9.36 9.86
N VAL A 177 18.10 -10.44 9.11
CA VAL A 177 18.47 -11.78 9.56
C VAL A 177 19.98 -11.85 9.86
N LEU A 178 20.79 -11.18 9.03
CA LEU A 178 22.24 -11.17 9.24
C LEU A 178 22.61 -10.42 10.51
N VAL A 179 21.97 -9.28 10.73
CA VAL A 179 22.23 -8.46 11.92
C VAL A 179 21.80 -9.23 13.19
N GLU A 180 20.75 -10.02 13.08
CA GLU A 180 20.27 -10.81 14.20
C GLU A 180 21.26 -11.90 14.53
N TRP A 181 21.70 -12.64 13.51
CA TRP A 181 22.68 -13.70 13.68
C TRP A 181 23.96 -13.21 14.32
N LEU A 182 24.54 -12.15 13.76
CA LEU A 182 25.78 -11.55 14.26
C LEU A 182 25.57 -10.69 15.47
N LYS A 183 24.32 -10.43 15.84
CA LYS A 183 24.00 -9.58 16.99
C LYS A 183 24.87 -8.34 16.96
N ASP A 184 25.16 -7.88 15.75
CA ASP A 184 26.01 -6.73 15.52
C ASP A 184 25.31 -5.66 14.69
N PRO A 185 24.94 -4.55 15.34
CA PRO A 185 24.26 -3.38 14.79
C PRO A 185 25.19 -2.20 14.49
N SER A 186 26.49 -2.40 14.65
CA SER A 186 27.46 -1.33 14.47
C SER A 186 27.48 -0.61 13.13
N GLN A 187 27.20 -1.30 12.02
CA GLN A 187 27.21 -0.65 10.71
C GLN A 187 25.88 -0.04 10.28
N GLU A 188 24.80 -0.49 10.92
CA GLU A 188 23.45 -0.09 10.55
C GLU A 188 23.05 1.34 10.39
N LEU A 189 23.14 2.14 11.44
CA LEU A 189 22.72 3.52 11.33
C LEU A 189 23.42 4.27 10.24
N GLU A 190 24.67 3.89 9.97
CA GLU A 190 25.46 4.54 8.93
C GLU A 190 25.03 4.09 7.54
N PHE A 191 24.84 2.78 7.36
CA PHE A 191 24.41 2.21 6.07
C PHE A 191 23.04 2.77 5.67
N ILE A 192 22.09 2.74 6.61
CA ILE A 192 20.74 3.23 6.38
C ILE A 192 20.79 4.71 6.00
N ALA A 193 21.65 5.47 6.66
CA ALA A 193 21.77 6.89 6.37
C ALA A 193 22.29 7.12 4.97
N ASP A 194 23.09 6.19 4.46
CA ASP A 194 23.57 6.34 3.11
C ASP A 194 22.44 6.08 2.11
N ILE A 195 21.52 5.17 2.46
CA ILE A 195 20.38 4.87 1.58
C ILE A 195 19.40 6.04 1.58
N LEU A 196 19.22 6.67 2.74
CA LEU A 196 18.32 7.82 2.89
C LEU A 196 18.92 9.06 2.30
N ASN A 197 20.23 9.03 2.05
CA ASN A 197 20.89 10.16 1.43
C ASN A 197 20.57 10.13 -0.08
N GLN A 198 20.16 8.95 -0.56
CA GLN A 198 19.79 8.72 -1.95
C GLN A 198 18.28 8.86 -2.17
N ASP A 199 17.51 8.38 -1.20
CA ASP A 199 16.03 8.47 -1.21
C ASP A 199 15.64 8.60 0.25
N ALA A 200 15.46 9.84 0.69
CA ALA A 200 15.13 10.12 2.08
C ALA A 200 13.78 9.61 2.55
N LYS A 201 13.04 8.94 1.70
CA LYS A 201 11.74 8.47 2.09
C LYS A 201 11.57 6.98 1.87
N ASN A 202 12.66 6.28 1.61
CA ASN A 202 12.57 4.83 1.37
C ASN A 202 11.92 4.17 2.61
N TYR A 203 10.72 3.63 2.42
CA TYR A 203 9.96 3.02 3.48
C TYR A 203 10.70 1.89 4.21
N HIS A 204 11.33 1.00 3.45
CA HIS A 204 12.11 -0.12 3.98
C HIS A 204 13.28 0.37 4.81
N ALA A 205 13.96 1.40 4.32
CA ALA A 205 15.11 1.95 5.03
C ALA A 205 14.68 2.51 6.37
N TRP A 206 13.55 3.19 6.39
CA TRP A 206 13.03 3.75 7.62
C TRP A 206 12.56 2.66 8.55
N GLN A 207 11.99 1.60 7.98
CA GLN A 207 11.52 0.49 8.80
C GLN A 207 12.70 -0.21 9.45
N HIS A 208 13.75 -0.40 8.67
CA HIS A 208 14.93 -1.06 9.17
C HIS A 208 15.58 -0.24 10.27
N ARG A 209 15.60 1.07 10.08
CA ARG A 209 16.20 2.00 11.05
C ARG A 209 15.44 1.90 12.36
N GLN A 210 14.11 1.86 12.28
CA GLN A 210 13.28 1.74 13.48
C GLN A 210 13.54 0.43 14.23
N TRP A 211 13.73 -0.65 13.48
CA TRP A 211 13.98 -1.94 14.08
C TRP A 211 15.33 -2.00 14.79
N VAL A 212 16.38 -1.48 14.16
CA VAL A 212 17.73 -1.46 14.74
C VAL A 212 17.76 -0.62 16.02
N ILE A 213 17.13 0.56 15.97
CA ILE A 213 17.06 1.48 17.10
C ILE A 213 16.32 0.88 18.31
N GLN A 214 15.21 0.21 18.05
CA GLN A 214 14.42 -0.40 19.10
C GLN A 214 15.08 -1.66 19.65
N GLU A 215 15.53 -2.55 18.78
CA GLU A 215 16.17 -3.78 19.21
C GLU A 215 17.46 -3.62 19.98
N PHE A 216 18.30 -2.72 19.49
CA PHE A 216 19.59 -2.50 20.09
C PHE A 216 19.67 -1.25 20.95
N ARG A 217 18.53 -0.61 21.16
CA ARG A 217 18.45 0.58 22.00
C ARG A 217 19.41 1.71 21.58
N LEU A 218 19.46 2.03 20.29
CA LEU A 218 20.35 3.09 19.81
C LEU A 218 19.59 4.42 19.62
N TRP A 219 18.93 4.88 20.68
CA TRP A 219 18.13 6.11 20.65
C TRP A 219 18.87 7.42 20.76
N ASP A 220 19.98 7.41 21.47
CA ASP A 220 20.71 8.64 21.73
C ASP A 220 20.96 9.69 20.65
N ASN A 221 21.23 9.27 19.43
CA ASN A 221 21.51 10.27 18.41
C ASN A 221 20.47 10.45 17.31
N GLU A 222 19.36 9.73 17.38
CA GLU A 222 18.34 9.83 16.36
C GLU A 222 17.59 11.16 16.27
N LEU A 223 17.32 11.82 17.38
CA LEU A 223 16.61 13.08 17.33
C LEU A 223 17.48 14.12 16.63
N GLN A 224 18.80 14.00 16.76
CA GLN A 224 19.73 14.92 16.13
C GLN A 224 19.74 14.67 14.61
N TYR A 225 19.69 13.40 14.24
CA TYR A 225 19.64 12.99 12.84
C TYR A 225 18.36 13.55 12.24
N VAL A 226 17.25 13.40 12.96
CA VAL A 226 15.94 13.90 12.54
C VAL A 226 16.02 15.41 12.27
N ASP A 227 16.68 16.16 13.15
CA ASP A 227 16.80 17.60 12.95
C ASP A 227 17.60 17.88 11.70
N GLN A 228 18.59 17.03 11.44
CA GLN A 228 19.40 17.16 10.25
C GLN A 228 18.56 17.05 8.97
N LEU A 229 17.80 15.96 8.86
CA LEU A 229 16.98 15.74 7.66
C LEU A 229 15.85 16.72 7.50
N LEU A 230 15.34 17.24 8.63
CA LEU A 230 14.24 18.22 8.59
C LEU A 230 14.75 19.55 8.05
N LYS A 231 16.04 19.80 8.27
CA LYS A 231 16.69 21.00 7.75
C LYS A 231 16.78 20.78 6.25
N GLU A 232 17.16 19.57 5.84
CA GLU A 232 17.28 19.27 4.42
C GLU A 232 15.95 19.36 3.66
N ASP A 233 14.88 18.88 4.29
CA ASP A 233 13.57 18.91 3.70
C ASP A 233 12.55 18.84 4.82
N VAL A 234 12.05 20.02 5.21
CA VAL A 234 11.07 20.15 6.28
C VAL A 234 9.73 19.49 5.91
N ARG A 235 9.59 19.10 4.64
CA ARG A 235 8.36 18.45 4.18
C ARG A 235 8.46 16.91 4.15
N ASN A 236 9.58 16.36 4.64
CA ASN A 236 9.78 14.92 4.61
C ASN A 236 8.98 14.33 5.75
N ASN A 237 7.81 13.79 5.41
CA ASN A 237 6.92 13.19 6.37
C ASN A 237 7.49 11.96 7.10
N SER A 238 8.42 11.24 6.45
CA SER A 238 9.05 10.05 7.06
C SER A 238 9.86 10.52 8.24
N VAL A 239 10.44 11.71 8.11
CA VAL A 239 11.24 12.31 9.18
C VAL A 239 10.32 12.83 10.30
N TRP A 240 9.17 13.42 9.96
CA TRP A 240 8.25 13.89 11.00
C TRP A 240 7.78 12.64 11.73
N ASN A 241 7.63 11.53 11.02
CA ASN A 241 7.23 10.29 11.66
C ASN A 241 8.34 9.81 12.58
N GLN A 242 9.59 9.89 12.12
CA GLN A 242 10.72 9.44 12.92
C GLN A 242 10.86 10.26 14.17
N ARG A 243 10.51 11.53 14.07
CA ARG A 243 10.58 12.45 15.20
C ARG A 243 9.64 11.94 16.30
N HIS A 244 8.41 11.61 15.93
CA HIS A 244 7.41 11.10 16.87
C HIS A 244 7.82 9.75 17.41
N PHE A 245 8.41 8.91 16.58
CA PHE A 245 8.85 7.60 17.02
C PHE A 245 9.90 7.73 18.13
N VAL A 246 10.91 8.58 17.91
CA VAL A 246 11.96 8.80 18.89
C VAL A 246 11.42 9.39 20.19
N ILE A 247 10.67 10.48 20.08
CA ILE A 247 10.15 11.12 21.27
C ILE A 247 9.21 10.23 22.06
N SER A 248 8.26 9.60 21.40
CA SER A 248 7.34 8.77 22.15
C SER A 248 8.02 7.57 22.79
N ASN A 249 9.18 7.16 22.28
CA ASN A 249 9.87 6.00 22.86
C ASN A 249 11.00 6.35 23.81
N THR A 250 11.17 7.64 24.06
CA THR A 250 12.20 8.11 24.97
C THR A 250 11.59 8.91 26.13
N THR A 251 11.30 10.19 25.90
CA THR A 251 10.72 11.04 26.92
C THR A 251 9.20 10.94 26.98
N GLY A 252 8.56 10.89 25.82
CA GLY A 252 7.10 10.84 25.76
C GLY A 252 6.67 12.27 25.61
N TYR A 253 5.38 12.48 25.36
CA TYR A 253 4.83 13.82 25.20
C TYR A 253 4.04 14.30 26.42
N SER A 254 4.11 13.56 27.52
CA SER A 254 3.41 13.99 28.71
C SER A 254 4.26 15.00 29.45
N ASP A 255 5.57 14.91 29.26
CA ASP A 255 6.51 15.86 29.85
C ASP A 255 6.14 17.19 29.16
N ARG A 256 5.64 18.14 29.96
CA ARG A 256 5.20 19.45 29.48
C ARG A 256 6.29 20.26 28.82
N ALA A 257 7.53 20.08 29.30
CA ALA A 257 8.64 20.80 28.73
C ALA A 257 8.87 20.31 27.29
N VAL A 258 8.85 19.00 27.12
CA VAL A 258 9.03 18.39 25.81
C VAL A 258 7.92 18.84 24.92
N LEU A 259 6.68 18.68 25.37
CA LEU A 259 5.51 19.09 24.61
C LEU A 259 5.65 20.55 24.17
N GLU A 260 6.07 21.39 25.10
CA GLU A 260 6.26 22.82 24.85
C GLU A 260 7.28 23.03 23.74
N ARG A 261 8.43 22.34 23.89
CA ARG A 261 9.52 22.39 22.93
C ARG A 261 9.07 21.96 21.53
N GLU A 262 8.24 20.93 21.49
CA GLU A 262 7.74 20.37 20.24
C GLU A 262 6.68 21.20 19.57
N VAL A 263 5.79 21.77 20.36
CA VAL A 263 4.72 22.60 19.82
C VAL A 263 5.28 23.94 19.34
N GLN A 264 6.34 24.41 20.01
CA GLN A 264 6.94 25.67 19.60
C GLN A 264 7.73 25.45 18.30
N TYR A 265 8.56 24.40 18.28
CA TYR A 265 9.36 24.03 17.10
C TYR A 265 8.43 23.91 15.88
N THR A 266 7.38 23.11 16.03
CA THR A 266 6.43 22.89 14.96
C THR A 266 5.82 24.20 14.47
N LEU A 267 5.51 25.11 15.41
CA LEU A 267 4.92 26.41 15.07
C LEU A 267 5.85 27.30 14.24
N GLU A 268 7.16 27.21 14.49
CA GLU A 268 8.17 27.96 13.75
C GLU A 268 8.21 27.43 12.31
N MET A 269 8.16 26.10 12.16
CA MET A 269 8.17 25.41 10.86
C MET A 269 6.97 25.80 10.05
N ILE A 270 5.84 25.95 10.73
CA ILE A 270 4.62 26.35 10.05
C ILE A 270 4.81 27.79 9.56
N LYS A 271 5.44 28.62 10.40
CA LYS A 271 5.70 30.02 10.03
C LYS A 271 6.51 30.07 8.75
N LEU A 272 7.58 29.29 8.68
CA LEU A 272 8.42 29.27 7.48
C LEU A 272 7.72 28.71 6.23
N VAL A 273 7.06 27.56 6.37
CA VAL A 273 6.38 26.92 5.25
C VAL A 273 4.92 26.61 5.60
N PRO A 274 4.08 27.65 5.71
CA PRO A 274 2.65 27.57 6.05
C PRO A 274 1.85 26.51 5.29
N HIS A 275 2.32 26.15 4.12
CA HIS A 275 1.60 25.16 3.35
C HIS A 275 2.19 23.76 3.43
N ASN A 276 3.13 23.54 4.36
CA ASN A 276 3.73 22.23 4.56
C ASN A 276 2.77 21.45 5.45
N GLU A 277 2.04 20.52 4.84
CA GLU A 277 1.10 19.71 5.57
C GLU A 277 1.67 18.87 6.70
N SER A 278 2.90 18.40 6.57
CA SER A 278 3.53 17.57 7.60
C SER A 278 3.62 18.22 8.96
N ALA A 279 4.00 19.49 9.00
CA ALA A 279 4.13 20.20 10.26
C ALA A 279 2.77 20.35 10.93
N TRP A 280 1.75 20.53 10.12
CA TRP A 280 0.38 20.68 10.57
C TRP A 280 -0.16 19.39 11.17
N ASN A 281 0.11 18.28 10.49
CA ASN A 281 -0.34 16.95 10.91
C ASN A 281 0.37 16.50 12.17
N TYR A 282 1.61 16.95 12.34
CA TYR A 282 2.37 16.60 13.53
C TYR A 282 1.83 17.40 14.70
N LEU A 283 1.45 18.65 14.43
CA LEU A 283 0.90 19.57 15.46
C LEU A 283 -0.42 18.99 15.98
N LYS A 284 -1.26 18.57 15.05
CA LYS A 284 -2.53 17.97 15.36
C LYS A 284 -2.28 16.65 16.08
N GLY A 285 -1.37 15.85 15.54
CA GLY A 285 -1.07 14.54 16.11
C GLY A 285 -0.60 14.47 17.56
N ILE A 286 0.21 15.44 18.01
CA ILE A 286 0.71 15.42 19.39
C ILE A 286 -0.19 16.14 20.44
N LEU A 287 -1.18 16.92 19.99
CA LEU A 287 -2.08 17.67 20.90
C LEU A 287 -3.43 17.01 20.91
N GLN A 288 -3.84 16.56 19.72
CA GLN A 288 -5.10 15.87 19.48
C GLN A 288 -5.23 14.78 20.55
N ASP A 289 -4.09 14.26 20.97
CA ASP A 289 -4.03 13.25 22.00
C ASP A 289 -4.81 13.72 23.24
N ARG A 290 -4.26 14.72 23.94
CA ARG A 290 -4.89 15.27 25.15
C ARG A 290 -6.18 16.06 24.95
N GLY A 291 -6.52 16.36 23.70
CA GLY A 291 -7.72 17.13 23.42
C GLY A 291 -7.31 18.56 23.13
N LEU A 292 -7.50 18.99 21.87
CA LEU A 292 -7.13 20.35 21.44
C LEU A 292 -7.73 21.48 22.29
N SER A 293 -8.88 21.23 22.91
CA SER A 293 -9.52 22.22 23.76
C SER A 293 -8.76 22.40 25.09
N ARG A 294 -7.98 21.40 25.49
CA ARG A 294 -7.18 21.47 26.71
C ARG A 294 -6.13 22.61 26.61
N TYR A 295 -5.97 23.16 25.42
CA TYR A 295 -5.01 24.22 25.15
C TYR A 295 -5.68 25.50 24.66
N PRO A 296 -6.07 26.38 25.60
CA PRO A 296 -6.74 27.65 25.33
C PRO A 296 -5.96 28.67 24.45
N ASN A 297 -4.69 28.92 24.76
CA ASN A 297 -3.87 29.86 24.01
C ASN A 297 -3.73 29.54 22.53
N LEU A 298 -3.62 28.25 22.23
CA LEU A 298 -3.46 27.78 20.86
C LEU A 298 -4.51 28.31 19.89
N LEU A 299 -5.79 28.24 20.24
CA LEU A 299 -6.82 28.73 19.33
C LEU A 299 -6.53 30.18 19.00
N ASN A 300 -6.16 30.94 20.02
CA ASN A 300 -5.86 32.36 19.84
C ASN A 300 -4.72 32.50 18.87
N GLN A 301 -3.59 31.96 19.26
CA GLN A 301 -2.38 32.03 18.47
C GLN A 301 -2.53 31.64 17.00
N LEU A 302 -3.47 30.76 16.67
CA LEU A 302 -3.67 30.37 15.28
C LEU A 302 -4.61 31.36 14.57
N LEU A 303 -5.54 31.91 15.33
CA LEU A 303 -6.49 32.87 14.80
C LEU A 303 -5.76 34.14 14.35
N ASP A 304 -4.49 34.24 14.77
CA ASP A 304 -3.66 35.39 14.41
C ASP A 304 -3.03 35.20 13.02
N LEU A 305 -2.60 33.98 12.70
CA LEU A 305 -2.02 33.74 11.39
C LEU A 305 -3.10 33.88 10.32
N GLN A 306 -4.34 34.04 10.78
CA GLN A 306 -5.50 34.21 9.91
C GLN A 306 -5.28 35.05 8.65
N PRO A 307 -4.54 36.15 8.76
CA PRO A 307 -4.32 36.95 7.54
C PRO A 307 -2.92 36.63 6.97
N SER A 308 -1.96 36.41 7.87
CA SER A 308 -0.57 36.11 7.51
C SER A 308 -0.33 34.71 6.95
N HIS A 309 -0.32 33.69 7.82
CA HIS A 309 -0.10 32.31 7.39
C HIS A 309 -1.45 31.59 7.46
N SER A 310 -2.39 31.98 6.59
CA SER A 310 -3.72 31.38 6.61
C SER A 310 -4.09 30.44 5.48
N SER A 311 -3.40 29.31 5.41
CA SER A 311 -3.66 28.29 4.40
C SER A 311 -4.92 27.56 4.85
N PRO A 312 -5.42 26.61 4.04
CA PRO A 312 -6.62 25.89 4.46
C PRO A 312 -6.29 24.82 5.54
N TYR A 313 -5.04 24.81 6.00
CA TYR A 313 -4.58 23.90 7.05
C TYR A 313 -4.92 24.55 8.36
N LEU A 314 -4.79 25.88 8.38
CA LEU A 314 -5.13 26.70 9.54
C LEU A 314 -6.64 26.61 9.71
N ILE A 315 -7.38 26.80 8.61
CA ILE A 315 -8.84 26.76 8.62
C ILE A 315 -9.29 25.42 9.21
N ALA A 316 -8.75 24.33 8.66
CA ALA A 316 -9.08 22.98 9.10
C ALA A 316 -8.69 22.73 10.55
N PHE A 317 -7.53 23.22 10.97
CA PHE A 317 -7.10 23.04 12.34
C PHE A 317 -8.08 23.73 13.31
N LEU A 318 -8.70 24.83 12.88
CA LEU A 318 -9.66 25.56 13.72
C LEU A 318 -10.94 24.76 13.89
N VAL A 319 -11.40 24.11 12.81
CA VAL A 319 -12.58 23.28 12.88
C VAL A 319 -12.28 22.11 13.82
N ASP A 320 -11.02 21.70 13.89
CA ASP A 320 -10.61 20.59 14.76
C ASP A 320 -10.68 21.01 16.21
N ILE A 321 -10.19 22.22 16.50
CA ILE A 321 -10.22 22.77 17.85
C ILE A 321 -11.67 22.97 18.31
N TYR A 322 -12.52 23.47 17.41
CA TYR A 322 -13.93 23.70 17.72
C TYR A 322 -14.62 22.38 18.00
N GLU A 323 -14.36 21.40 17.15
CA GLU A 323 -14.95 20.08 17.30
C GLU A 323 -14.72 19.61 18.71
N ASP A 324 -13.49 19.75 19.21
CA ASP A 324 -13.18 19.31 20.56
C ASP A 324 -13.76 20.15 21.68
N MET A 325 -13.98 21.44 21.41
CA MET A 325 -14.56 22.35 22.41
C MET A 325 -16.02 21.96 22.63
N LEU A 326 -16.70 21.66 21.54
CA LEU A 326 -18.10 21.26 21.59
C LEU A 326 -18.28 19.98 22.39
N GLU A 327 -17.35 19.03 22.19
CA GLU A 327 -17.38 17.75 22.88
C GLU A 327 -17.01 17.88 24.36
N ASN A 328 -16.28 18.94 24.69
CA ASN A 328 -15.86 19.13 26.07
C ASN A 328 -16.53 20.28 26.79
N GLN A 329 -17.82 20.43 26.55
CA GLN A 329 -18.66 21.43 27.19
C GLN A 329 -18.08 22.85 27.26
N CYS A 330 -17.87 23.46 26.09
CA CYS A 330 -17.30 24.82 26.02
C CYS A 330 -18.36 25.89 26.21
N ASP A 331 -17.93 27.06 26.65
CA ASP A 331 -18.83 28.21 26.83
C ASP A 331 -19.08 28.75 25.43
N ASN A 332 -20.22 29.42 25.24
CA ASN A 332 -20.59 30.00 23.93
C ASN A 332 -20.86 28.93 22.88
N LYS A 333 -21.29 27.75 23.31
CA LYS A 333 -21.57 26.63 22.40
C LYS A 333 -22.34 26.98 21.12
N GLU A 334 -23.35 27.82 21.24
CA GLU A 334 -24.15 28.20 20.08
C GLU A 334 -23.25 28.97 19.12
N ASP A 335 -22.41 29.84 19.70
CA ASP A 335 -21.46 30.66 18.98
C ASP A 335 -20.38 29.81 18.28
N ILE A 336 -19.59 29.10 19.07
CA ILE A 336 -18.52 28.24 18.58
C ILE A 336 -19.01 27.33 17.44
N LEU A 337 -20.21 26.75 17.60
CA LEU A 337 -20.76 25.87 16.59
C LEU A 337 -20.96 26.52 15.23
N ASN A 338 -21.44 27.76 15.22
CA ASN A 338 -21.69 28.46 13.96
C ASN A 338 -20.39 28.73 13.23
N LYS A 339 -19.34 29.00 14.01
CA LYS A 339 -18.02 29.27 13.47
C LYS A 339 -17.53 28.01 12.77
N ALA A 340 -17.46 26.92 13.53
CA ALA A 340 -17.02 25.64 13.00
C ALA A 340 -17.81 25.27 11.72
N LEU A 341 -19.07 25.67 11.65
CA LEU A 341 -19.91 25.36 10.48
C LEU A 341 -19.66 26.33 9.33
N GLU A 342 -19.19 27.52 9.69
CA GLU A 342 -18.87 28.57 8.73
C GLU A 342 -17.61 28.10 8.01
N LEU A 343 -16.61 27.72 8.82
CA LEU A 343 -15.35 27.23 8.31
C LEU A 343 -15.59 25.98 7.48
N CYS A 344 -16.49 25.11 7.93
CA CYS A 344 -16.83 23.90 7.19
C CYS A 344 -17.42 24.19 5.82
N GLU A 345 -18.08 25.34 5.68
CA GLU A 345 -18.67 25.67 4.40
C GLU A 345 -17.68 26.38 3.51
N ILE A 346 -16.82 27.18 4.15
CA ILE A 346 -15.76 27.91 3.42
C ILE A 346 -14.87 26.84 2.80
N LEU A 347 -14.60 25.79 3.58
CA LEU A 347 -13.79 24.66 3.15
C LEU A 347 -14.46 23.86 2.04
N ALA A 348 -15.70 23.43 2.27
CA ALA A 348 -16.44 22.61 1.30
C ALA A 348 -16.74 23.31 -0.02
N LYS A 349 -17.01 24.60 0.05
CA LYS A 349 -17.35 25.37 -1.13
C LYS A 349 -16.22 26.18 -1.73
N GLU A 350 -15.26 26.59 -0.91
CA GLU A 350 -14.18 27.41 -1.42
C GLU A 350 -12.72 26.97 -1.24
N LYS A 351 -12.27 26.93 0.00
CA LYS A 351 -10.89 26.60 0.34
C LYS A 351 -10.35 25.19 0.16
N ASP A 352 -11.22 24.17 0.25
CA ASP A 352 -10.77 22.79 0.15
C ASP A 352 -11.85 21.90 -0.45
N THR A 353 -12.25 22.25 -1.67
CA THR A 353 -13.30 21.56 -2.40
C THR A 353 -13.07 20.10 -2.77
N ILE A 354 -11.79 19.69 -2.79
CA ILE A 354 -11.47 18.30 -3.15
C ILE A 354 -12.05 17.37 -2.05
N ARG A 355 -12.12 17.93 -0.85
CA ARG A 355 -12.64 17.27 0.35
C ARG A 355 -14.05 17.78 0.75
N LYS A 356 -14.85 18.21 -0.22
CA LYS A 356 -16.20 18.74 0.05
C LYS A 356 -17.06 17.72 0.77
N GLU A 357 -17.07 16.48 0.29
CA GLU A 357 -17.85 15.43 0.92
C GLU A 357 -17.49 15.23 2.39
N TYR A 358 -16.21 15.44 2.70
CA TYR A 358 -15.74 15.30 4.07
C TYR A 358 -16.22 16.46 4.91
N TRP A 359 -15.97 17.66 4.41
CA TRP A 359 -16.36 18.87 5.11
C TRP A 359 -17.86 19.07 5.31
N ARG A 360 -18.66 18.50 4.40
CA ARG A 360 -20.11 18.54 4.51
C ARG A 360 -20.43 17.61 5.66
N TYR A 361 -19.95 16.37 5.58
CA TYR A 361 -20.15 15.37 6.64
C TYR A 361 -19.82 16.01 7.99
N ILE A 362 -18.67 16.66 8.04
CA ILE A 362 -18.23 17.33 9.25
C ILE A 362 -19.27 18.35 9.69
N GLY A 363 -19.91 19.01 8.71
CA GLY A 363 -20.93 20.01 9.01
C GLY A 363 -22.17 19.37 9.61
N ARG A 364 -22.69 18.37 8.90
CA ARG A 364 -23.85 17.61 9.33
C ARG A 364 -23.61 17.05 10.74
N SER A 365 -22.63 16.15 10.82
CA SER A 365 -22.23 15.48 12.06
C SER A 365 -22.13 16.45 13.26
N LEU A 366 -21.59 17.63 13.01
CA LEU A 366 -21.40 18.68 14.02
C LEU A 366 -22.73 19.25 14.51
N GLN A 367 -23.68 19.36 13.58
CA GLN A 367 -25.00 19.85 13.91
C GLN A 367 -25.69 18.78 14.72
N SER A 368 -25.86 17.61 14.10
CA SER A 368 -26.48 16.47 14.75
C SER A 368 -26.05 16.36 16.20
N LYS A 369 -24.78 16.67 16.44
CA LYS A 369 -24.20 16.60 17.78
C LYS A 369 -24.49 17.75 18.73
N HIS A 370 -24.30 18.98 18.27
CA HIS A 370 -24.46 20.10 19.18
C HIS A 370 -25.51 21.15 18.83
N SER A 371 -26.60 20.70 18.22
CA SER A 371 -27.71 21.57 17.83
C SER A 371 -28.32 22.37 18.99
N LEU B 23 -16.08 19.00 -16.59
CA LEU B 23 -14.88 18.41 -15.94
C LEU B 23 -14.33 19.34 -14.84
N TYR B 24 -14.37 18.82 -13.61
CA TYR B 24 -13.89 19.53 -12.44
C TYR B 24 -12.44 20.01 -12.60
N SER B 25 -11.62 19.15 -13.20
CA SER B 25 -10.20 19.42 -13.40
C SER B 25 -9.91 20.56 -14.36
N LEU B 26 -10.76 20.71 -15.36
CA LEU B 26 -10.61 21.73 -16.37
C LEU B 26 -11.21 23.08 -16.02
N ARG B 27 -11.92 23.17 -14.90
CA ARG B 27 -12.49 24.44 -14.50
C ARG B 27 -11.37 25.40 -14.18
N PRO B 28 -11.52 26.67 -14.58
CA PRO B 28 -10.55 27.75 -14.39
C PRO B 28 -10.16 27.96 -12.95
N GLU B 29 -11.14 27.83 -12.06
CA GLU B 29 -10.90 28.00 -10.64
C GLU B 29 -9.96 26.91 -10.10
N HIS B 30 -9.80 25.86 -10.90
CA HIS B 30 -8.95 24.72 -10.54
C HIS B 30 -7.47 25.07 -10.57
N ALA B 31 -7.10 26.04 -11.39
CA ALA B 31 -5.71 26.47 -11.49
C ALA B 31 -5.20 26.98 -10.14
N ARG B 32 -6.11 27.38 -9.26
CA ARG B 32 -5.76 27.88 -7.94
C ARG B 32 -5.31 26.78 -6.99
N GLU B 33 -5.49 25.53 -7.39
CA GLU B 33 -5.10 24.41 -6.57
C GLU B 33 -3.62 24.02 -6.71
N ARG B 34 -2.91 24.68 -7.61
CA ARG B 34 -1.49 24.40 -7.82
C ARG B 34 -0.70 24.65 -6.57
N LEU B 35 0.33 23.82 -6.35
CA LEU B 35 1.17 23.91 -5.17
C LEU B 35 1.67 25.33 -4.85
N GLN B 36 1.70 25.67 -3.57
CA GLN B 36 2.20 26.95 -3.11
C GLN B 36 3.39 26.61 -2.24
N ASP B 37 4.60 26.68 -2.80
CA ASP B 37 5.82 26.32 -2.05
C ASP B 37 6.36 27.35 -1.06
N ASP B 38 5.59 28.41 -0.79
CA ASP B 38 5.98 29.46 0.15
C ASP B 38 7.35 30.04 -0.11
N SER B 39 7.84 29.83 -1.33
CA SER B 39 9.16 30.28 -1.74
C SER B 39 10.28 29.63 -0.91
N VAL B 40 10.04 28.36 -0.58
CA VAL B 40 10.99 27.53 0.16
C VAL B 40 10.93 26.19 -0.57
N GLU B 41 11.90 25.98 -1.46
CA GLU B 41 11.96 24.77 -2.24
C GLU B 41 12.73 23.65 -1.57
N THR B 42 12.19 22.45 -1.63
CA THR B 42 12.87 21.28 -1.10
C THR B 42 12.65 20.18 -2.12
N VAL B 43 13.31 19.05 -1.94
CA VAL B 43 13.13 17.95 -2.89
C VAL B 43 11.64 17.64 -3.05
N THR B 44 10.88 17.75 -1.96
CA THR B 44 9.44 17.47 -1.95
C THR B 44 8.62 18.41 -2.83
N SER B 45 8.77 19.73 -2.63
CA SER B 45 8.03 20.72 -3.41
C SER B 45 8.45 20.69 -4.89
N ILE B 46 9.74 20.51 -5.15
CA ILE B 46 10.28 20.43 -6.51
C ILE B 46 9.73 19.25 -7.32
N GLU B 47 9.58 18.10 -6.67
CA GLU B 47 9.08 16.90 -7.33
C GLU B 47 7.57 16.96 -7.53
N GLN B 48 6.87 17.55 -6.57
CA GLN B 48 5.43 17.70 -6.65
C GLN B 48 5.11 18.61 -7.83
N ALA B 49 5.87 19.71 -7.90
CA ALA B 49 5.75 20.73 -8.95
C ALA B 49 5.93 20.14 -10.33
N LYS B 50 6.91 19.24 -10.47
CA LYS B 50 7.16 18.61 -11.74
C LYS B 50 5.94 17.81 -12.15
N VAL B 51 5.31 17.15 -11.18
CA VAL B 51 4.14 16.33 -11.45
C VAL B 51 2.95 17.19 -11.84
N GLU B 52 2.70 18.26 -11.08
CA GLU B 52 1.58 19.16 -11.38
C GLU B 52 1.75 19.78 -12.75
N GLU B 53 2.98 20.13 -13.12
CA GLU B 53 3.24 20.69 -14.43
C GLU B 53 2.87 19.66 -15.49
N LYS B 54 3.34 18.44 -15.31
CA LYS B 54 3.06 17.35 -16.24
C LYS B 54 1.56 17.10 -16.38
N ILE B 55 0.85 17.05 -15.26
CA ILE B 55 -0.61 16.82 -15.23
C ILE B 55 -1.37 17.98 -15.88
N GLN B 56 -0.90 19.20 -15.64
CA GLN B 56 -1.50 20.40 -16.21
C GLN B 56 -1.44 20.36 -17.73
N GLU B 57 -0.34 19.89 -18.30
CA GLU B 57 -0.22 19.81 -19.73
C GLU B 57 -1.25 18.83 -20.27
N VAL B 58 -1.57 17.82 -19.49
CA VAL B 58 -2.56 16.82 -19.90
C VAL B 58 -3.97 17.40 -19.86
N PHE B 59 -4.31 18.08 -18.76
CA PHE B 59 -5.63 18.68 -18.58
C PHE B 59 -5.93 19.66 -19.71
N SER B 60 -4.98 20.55 -19.98
CA SER B 60 -5.10 21.59 -20.99
C SER B 60 -4.83 21.19 -22.43
N SER B 61 -4.52 19.93 -22.67
CA SER B 61 -4.25 19.48 -24.03
C SER B 61 -5.41 19.75 -24.97
N TYR B 62 -6.63 19.54 -24.49
CA TYR B 62 -7.85 19.74 -25.27
C TYR B 62 -7.94 21.19 -25.78
N LYS B 63 -7.77 22.13 -24.85
CA LYS B 63 -7.80 23.54 -25.14
C LYS B 63 -6.76 23.91 -26.17
N PHE B 64 -5.55 23.38 -25.98
CA PHE B 64 -4.45 23.68 -26.89
C PHE B 64 -4.62 23.07 -28.28
N ASN B 65 -5.43 22.02 -28.40
CA ASN B 65 -5.63 21.38 -29.69
C ASN B 65 -7.02 21.67 -30.25
N HIS B 66 -7.82 22.41 -29.48
CA HIS B 66 -9.17 22.80 -29.85
C HIS B 66 -10.05 21.61 -30.20
N LEU B 67 -10.26 20.77 -29.21
CA LEU B 67 -11.11 19.60 -29.39
C LEU B 67 -11.97 19.63 -28.16
N VAL B 68 -13.10 18.94 -28.22
CA VAL B 68 -13.98 18.90 -27.08
C VAL B 68 -13.58 17.67 -26.26
N PRO B 69 -13.24 17.87 -24.96
CA PRO B 69 -12.84 16.78 -24.06
C PRO B 69 -13.81 15.59 -24.13
N ARG B 70 -13.26 14.40 -24.37
CA ARG B 70 -14.04 13.17 -24.46
C ARG B 70 -13.47 12.10 -23.52
N LEU B 71 -13.98 12.02 -22.29
CA LEU B 71 -13.48 11.03 -21.34
C LEU B 71 -14.00 9.64 -21.72
N VAL B 72 -13.11 8.86 -22.32
CA VAL B 72 -13.45 7.52 -22.79
C VAL B 72 -12.49 6.43 -22.29
N LEU B 73 -13.02 5.47 -21.55
CA LEU B 73 -12.21 4.36 -21.06
C LEU B 73 -11.94 3.46 -22.27
N GLN B 74 -10.68 3.36 -22.68
CA GLN B 74 -10.27 2.54 -23.83
C GLN B 74 -10.43 1.04 -23.63
N ARG B 75 -11.67 0.61 -23.45
CA ARG B 75 -12.00 -0.79 -23.19
C ARG B 75 -11.39 -1.86 -24.08
N GLU B 76 -11.44 -1.62 -25.38
CA GLU B 76 -10.93 -2.62 -26.32
C GLU B 76 -9.42 -2.72 -26.27
N LYS B 77 -8.78 -1.57 -26.04
CA LYS B 77 -7.32 -1.49 -25.93
C LYS B 77 -6.87 -2.27 -24.70
N HIS B 78 -7.54 -1.97 -23.57
CA HIS B 78 -7.27 -2.59 -22.27
C HIS B 78 -7.52 -4.08 -22.36
N PHE B 79 -8.59 -4.46 -23.05
CA PHE B 79 -8.91 -5.85 -23.21
C PHE B 79 -7.87 -6.70 -23.98
N HIS B 80 -7.32 -6.20 -25.10
CA HIS B 80 -6.32 -6.96 -25.87
C HIS B 80 -5.06 -7.14 -25.06
N TYR B 81 -4.70 -6.09 -24.34
CA TYR B 81 -3.52 -6.08 -23.47
C TYR B 81 -3.65 -7.19 -22.40
N LEU B 82 -4.82 -7.20 -21.76
CA LEU B 82 -5.17 -8.15 -20.71
C LEU B 82 -5.23 -9.57 -21.19
N LYS B 83 -6.09 -9.84 -22.17
CA LYS B 83 -6.25 -11.19 -22.70
C LYS B 83 -4.95 -11.77 -23.25
N ARG B 84 -4.02 -10.90 -23.63
CA ARG B 84 -2.72 -11.29 -24.17
C ARG B 84 -1.76 -11.66 -23.02
N GLY B 85 -1.71 -10.79 -22.01
CA GLY B 85 -0.87 -11.02 -20.85
C GLY B 85 -1.27 -12.25 -20.05
N LEU B 86 -2.55 -12.64 -20.13
CA LEU B 86 -3.08 -13.82 -19.43
C LEU B 86 -2.53 -15.13 -19.96
N ARG B 87 -1.97 -15.12 -21.17
CA ARG B 87 -1.38 -16.34 -21.74
C ARG B 87 0.13 -16.33 -21.74
N GLN B 88 0.71 -15.17 -22.07
CA GLN B 88 2.17 -15.03 -22.11
C GLN B 88 2.66 -13.61 -21.90
N LEU B 89 3.91 -13.50 -21.47
CA LEU B 89 4.54 -12.22 -21.19
C LEU B 89 6.00 -12.24 -21.59
N THR B 90 6.52 -11.09 -21.96
CA THR B 90 7.92 -10.98 -22.35
C THR B 90 8.80 -11.09 -21.11
N ASP B 91 10.11 -11.12 -21.31
CA ASP B 91 11.04 -11.25 -20.20
C ASP B 91 11.11 -10.01 -19.30
N ALA B 92 10.39 -8.95 -19.67
CA ALA B 92 10.36 -7.76 -18.84
C ALA B 92 9.70 -8.16 -17.52
N TYR B 93 8.93 -9.24 -17.59
CA TYR B 93 8.23 -9.79 -16.46
C TYR B 93 8.99 -10.79 -15.63
N GLU B 94 10.28 -10.95 -15.92
CA GLU B 94 11.08 -11.90 -15.13
C GLU B 94 11.09 -11.51 -13.65
N CYS B 95 10.93 -10.22 -13.36
CA CYS B 95 10.90 -9.70 -12.01
C CYS B 95 9.63 -10.10 -11.26
N LEU B 96 8.70 -10.70 -11.99
CA LEU B 96 7.43 -11.14 -11.45
C LEU B 96 7.31 -12.66 -11.55
N ASP B 97 8.46 -13.32 -11.71
CA ASP B 97 8.52 -14.76 -11.81
C ASP B 97 8.13 -15.43 -10.51
N ALA B 98 8.20 -14.67 -9.41
CA ALA B 98 7.82 -15.20 -8.10
C ALA B 98 6.48 -14.63 -7.65
N SER B 99 5.76 -13.99 -8.58
CA SER B 99 4.45 -13.39 -8.31
C SER B 99 3.40 -13.76 -9.35
N ARG B 100 3.52 -14.95 -9.93
CA ARG B 100 2.58 -15.38 -10.96
C ARG B 100 1.11 -15.46 -10.55
N PRO B 101 0.81 -15.93 -9.32
CA PRO B 101 -0.62 -15.95 -8.98
C PRO B 101 -1.16 -14.50 -8.97
N TRP B 102 -0.26 -13.51 -8.79
CA TRP B 102 -0.66 -12.11 -8.77
C TRP B 102 -1.05 -11.68 -10.16
N LEU B 103 -0.27 -12.10 -11.14
CA LEU B 103 -0.56 -11.74 -12.52
C LEU B 103 -1.94 -12.31 -12.90
N CYS B 104 -2.26 -13.53 -12.44
CA CYS B 104 -3.58 -14.14 -12.71
C CYS B 104 -4.67 -13.29 -12.07
N TYR B 105 -4.49 -12.95 -10.80
CA TYR B 105 -5.47 -12.13 -10.11
C TYR B 105 -5.69 -10.77 -10.76
N TRP B 106 -4.60 -10.04 -11.01
CA TRP B 106 -4.68 -8.71 -11.60
C TRP B 106 -5.39 -8.74 -12.97
N ILE B 107 -5.02 -9.70 -13.80
CA ILE B 107 -5.61 -9.82 -15.14
C ILE B 107 -7.06 -10.30 -15.07
N LEU B 108 -7.31 -11.43 -14.41
CA LEU B 108 -8.66 -11.91 -14.29
C LEU B 108 -9.54 -10.88 -13.61
N HIS B 109 -9.01 -10.11 -12.66
CA HIS B 109 -9.85 -9.13 -11.99
C HIS B 109 -10.11 -7.95 -12.90
N SER B 110 -9.14 -7.59 -13.72
CA SER B 110 -9.33 -6.47 -14.63
C SER B 110 -10.39 -6.81 -15.68
N LEU B 111 -10.30 -8.01 -16.24
CA LEU B 111 -11.26 -8.50 -17.23
C LEU B 111 -12.65 -8.44 -16.60
N GLU B 112 -12.76 -8.92 -15.37
CA GLU B 112 -14.00 -8.92 -14.61
C GLU B 112 -14.63 -7.55 -14.47
N LEU B 113 -13.82 -6.53 -14.22
CA LEU B 113 -14.34 -5.18 -14.09
C LEU B 113 -14.79 -4.67 -15.45
N LEU B 114 -14.08 -5.10 -16.48
CA LEU B 114 -14.39 -4.73 -17.85
C LEU B 114 -15.55 -5.58 -18.39
N ASP B 115 -16.13 -6.41 -17.52
CA ASP B 115 -17.25 -7.28 -17.90
C ASP B 115 -16.89 -8.34 -18.93
N GLU B 116 -15.59 -8.63 -19.07
CA GLU B 116 -15.12 -9.64 -20.00
C GLU B 116 -15.10 -10.99 -19.33
N PRO B 117 -15.91 -11.93 -19.82
CA PRO B 117 -16.02 -13.29 -19.29
C PRO B 117 -14.85 -14.20 -19.61
N ILE B 118 -14.58 -15.15 -18.71
CA ILE B 118 -13.49 -16.14 -18.82
C ILE B 118 -13.98 -17.43 -19.47
N PRO B 119 -13.44 -17.76 -20.66
CA PRO B 119 -13.83 -18.99 -21.34
C PRO B 119 -13.53 -20.15 -20.44
N GLN B 120 -14.45 -21.10 -20.41
CA GLN B 120 -14.29 -22.29 -19.59
C GLN B 120 -12.92 -22.94 -19.80
N ILE B 121 -12.37 -22.80 -21.00
CA ILE B 121 -11.06 -23.36 -21.34
C ILE B 121 -9.91 -22.60 -20.64
N VAL B 122 -9.99 -21.27 -20.64
CA VAL B 122 -8.96 -20.47 -20.01
C VAL B 122 -9.00 -20.74 -18.51
N ALA B 123 -10.22 -20.65 -17.95
CA ALA B 123 -10.49 -20.88 -16.54
C ALA B 123 -9.86 -22.18 -16.02
N THR B 124 -10.06 -23.29 -16.71
CA THR B 124 -9.48 -24.54 -16.27
C THR B 124 -7.96 -24.47 -16.31
N ASP B 125 -7.42 -23.74 -17.28
CA ASP B 125 -5.96 -23.61 -17.42
C ASP B 125 -5.39 -22.90 -16.20
N VAL B 126 -6.10 -21.85 -15.77
CA VAL B 126 -5.69 -21.06 -14.61
C VAL B 126 -5.78 -21.93 -13.37
N CYS B 127 -6.85 -22.72 -13.27
CA CYS B 127 -7.04 -23.63 -12.13
C CYS B 127 -5.91 -24.63 -12.07
N GLN B 128 -5.50 -25.13 -13.23
CA GLN B 128 -4.42 -26.11 -13.28
C GLN B 128 -3.09 -25.50 -12.89
N PHE B 129 -2.89 -24.24 -13.27
CA PHE B 129 -1.67 -23.52 -12.97
C PHE B 129 -1.54 -23.29 -11.47
N LEU B 130 -2.59 -22.69 -10.89
CA LEU B 130 -2.59 -22.42 -9.46
C LEU B 130 -2.43 -23.72 -8.67
N GLU B 131 -2.88 -24.84 -9.24
CA GLU B 131 -2.70 -26.14 -8.61
C GLU B 131 -1.21 -26.44 -8.48
N LEU B 132 -0.42 -26.02 -9.48
CA LEU B 132 1.04 -26.23 -9.48
C LEU B 132 1.74 -25.29 -8.49
N CYS B 133 1.14 -24.12 -8.30
CA CYS B 133 1.69 -23.16 -7.37
C CYS B 133 1.35 -23.57 -5.93
N GLN B 134 0.25 -24.29 -5.73
CA GLN B 134 -0.15 -24.70 -4.39
C GLN B 134 0.83 -25.66 -3.71
N SER B 135 1.16 -25.36 -2.46
CA SER B 135 2.09 -26.17 -1.69
C SER B 135 1.43 -27.36 -1.00
N PRO B 136 2.17 -28.48 -0.89
CA PRO B 136 1.66 -29.68 -0.25
C PRO B 136 1.46 -29.42 1.24
N ASP B 137 1.99 -28.28 1.69
CA ASP B 137 1.87 -27.89 3.10
C ASP B 137 0.95 -26.69 3.30
N GLY B 138 0.01 -26.53 2.37
CA GLY B 138 -0.94 -25.43 2.43
C GLY B 138 -0.42 -24.12 1.87
N GLY B 139 -1.32 -23.27 1.39
CA GLY B 139 -0.90 -21.99 0.84
C GLY B 139 -0.31 -22.19 -0.55
N PHE B 140 -0.11 -21.08 -1.25
CA PHE B 140 0.42 -21.09 -2.61
C PHE B 140 1.76 -20.38 -2.71
N GLY B 141 2.57 -20.80 -3.68
CA GLY B 141 3.85 -20.17 -3.95
C GLY B 141 3.67 -19.23 -5.13
N GLY B 142 4.68 -18.45 -5.45
CA GLY B 142 4.57 -17.51 -6.57
C GLY B 142 4.72 -18.13 -7.95
N GLY B 143 4.92 -19.45 -8.00
CA GLY B 143 5.07 -20.14 -9.25
C GLY B 143 5.19 -21.61 -8.97
N PRO B 144 5.16 -22.50 -10.00
CA PRO B 144 5.26 -23.94 -9.79
C PRO B 144 6.51 -24.33 -9.04
N GLY B 145 6.33 -24.88 -7.84
CA GLY B 145 7.47 -25.32 -7.04
C GLY B 145 8.05 -24.35 -6.03
N GLN B 146 7.54 -23.13 -5.99
CA GLN B 146 8.07 -22.17 -5.04
C GLN B 146 7.43 -22.38 -3.68
N TYR B 147 8.18 -22.08 -2.62
CA TYR B 147 7.63 -22.22 -1.27
C TYR B 147 6.40 -21.30 -1.14
N PRO B 148 5.43 -21.67 -0.30
CA PRO B 148 4.24 -20.84 -0.14
C PRO B 148 4.55 -19.53 0.58
N HIS B 149 3.74 -18.54 0.32
CA HIS B 149 3.94 -17.23 0.89
C HIS B 149 2.53 -16.68 0.91
N LEU B 150 2.23 -15.82 1.87
CA LEU B 150 0.87 -15.30 1.98
C LEU B 150 0.38 -14.41 0.83
N ALA B 151 1.27 -13.65 0.20
CA ALA B 151 0.83 -12.77 -0.88
C ALA B 151 0.29 -13.55 -2.04
N PRO B 152 1.10 -14.47 -2.62
CA PRO B 152 0.53 -15.24 -3.74
C PRO B 152 -0.65 -16.12 -3.30
N THR B 153 -0.70 -16.49 -2.02
CA THR B 153 -1.80 -17.30 -1.49
C THR B 153 -3.08 -16.46 -1.59
N TYR B 154 -2.99 -15.19 -1.19
CA TYR B 154 -4.14 -14.28 -1.25
C TYR B 154 -4.58 -14.12 -2.71
N ALA B 155 -3.60 -13.88 -3.59
CA ALA B 155 -3.81 -13.71 -5.01
C ALA B 155 -4.44 -14.95 -5.67
N ALA B 156 -3.88 -16.12 -5.37
CA ALA B 156 -4.36 -17.37 -5.91
C ALA B 156 -5.82 -17.59 -5.52
N VAL B 157 -6.12 -17.41 -4.25
CA VAL B 157 -7.47 -17.60 -3.73
C VAL B 157 -8.44 -16.60 -4.33
N ASN B 158 -7.99 -15.36 -4.51
CA ASN B 158 -8.86 -14.34 -5.09
C ASN B 158 -9.14 -14.68 -6.57
N ALA B 159 -8.12 -15.18 -7.27
CA ALA B 159 -8.27 -15.53 -8.68
C ALA B 159 -9.30 -16.65 -8.80
N LEU B 160 -9.10 -17.72 -8.02
CA LEU B 160 -10.01 -18.86 -8.00
C LEU B 160 -11.46 -18.48 -7.70
N CYS B 161 -11.68 -17.45 -6.90
CA CYS B 161 -13.04 -17.03 -6.58
C CYS B 161 -13.67 -16.22 -7.71
N ILE B 162 -12.82 -15.53 -8.48
CA ILE B 162 -13.28 -14.74 -9.63
C ILE B 162 -13.76 -15.71 -10.70
N ILE B 163 -13.05 -16.83 -10.83
CA ILE B 163 -13.43 -17.89 -11.75
C ILE B 163 -14.71 -18.55 -11.19
N GLY B 164 -14.77 -18.72 -9.87
CA GLY B 164 -15.94 -19.26 -9.20
C GLY B 164 -16.56 -20.60 -9.59
N THR B 165 -15.83 -21.46 -10.28
CA THR B 165 -16.37 -22.75 -10.66
C THR B 165 -16.13 -23.71 -9.51
N GLU B 166 -16.72 -24.91 -9.60
CA GLU B 166 -16.52 -25.91 -8.58
C GLU B 166 -15.12 -26.45 -8.74
N GLU B 167 -14.61 -26.39 -9.96
CA GLU B 167 -13.25 -26.85 -10.24
C GLU B 167 -12.28 -25.92 -9.54
N ALA B 168 -12.52 -24.61 -9.66
CA ALA B 168 -11.69 -23.58 -9.05
C ALA B 168 -11.68 -23.76 -7.53
N TYR B 169 -12.87 -23.77 -6.93
CA TYR B 169 -13.03 -23.93 -5.49
C TYR B 169 -12.36 -25.20 -4.99
N ASN B 170 -12.46 -26.27 -5.77
CA ASN B 170 -11.85 -27.54 -5.34
C ASN B 170 -10.34 -27.54 -5.36
N VAL B 171 -9.74 -26.59 -6.07
CA VAL B 171 -8.28 -26.49 -6.14
C VAL B 171 -7.72 -26.27 -4.73
N ILE B 172 -8.40 -25.42 -3.94
CA ILE B 172 -7.94 -25.04 -2.58
C ILE B 172 -8.04 -26.13 -1.52
N ASN B 173 -6.89 -26.62 -1.07
CA ASN B 173 -6.84 -27.62 -0.01
C ASN B 173 -7.01 -26.86 1.31
N ARG B 174 -8.26 -26.80 1.78
CA ARG B 174 -8.61 -26.07 2.99
C ARG B 174 -7.99 -26.50 4.32
N GLU B 175 -7.61 -27.76 4.45
CA GLU B 175 -7.02 -28.20 5.70
C GLU B 175 -5.57 -27.81 5.74
N LYS B 176 -4.88 -27.94 4.62
CA LYS B 176 -3.48 -27.55 4.60
C LYS B 176 -3.38 -26.03 4.67
N LEU B 177 -4.36 -25.33 4.11
CA LEU B 177 -4.36 -23.86 4.16
C LEU B 177 -4.44 -23.33 5.61
N LEU B 178 -5.40 -23.85 6.38
CA LEU B 178 -5.60 -23.48 7.76
C LEU B 178 -4.35 -23.82 8.55
N GLN B 179 -3.83 -25.01 8.32
CA GLN B 179 -2.63 -25.44 9.00
C GLN B 179 -1.50 -24.47 8.71
N TYR B 180 -1.42 -24.03 7.45
CA TYR B 180 -0.40 -23.09 7.01
C TYR B 180 -0.51 -21.74 7.74
N LEU B 181 -1.73 -21.19 7.81
CA LEU B 181 -1.95 -19.92 8.48
C LEU B 181 -1.49 -20.03 9.93
N TYR B 182 -1.81 -21.15 10.57
CA TYR B 182 -1.40 -21.37 11.95
C TYR B 182 0.11 -21.34 12.08
N SER B 183 0.83 -21.81 11.05
CA SER B 183 2.29 -21.84 11.04
C SER B 183 2.91 -20.42 10.93
N LEU B 184 2.10 -19.44 10.56
CA LEU B 184 2.58 -18.08 10.45
C LEU B 184 2.08 -17.19 11.62
N LYS B 185 1.04 -17.65 12.30
CA LYS B 185 0.47 -16.93 13.42
C LYS B 185 1.53 -16.69 14.49
N GLN B 186 1.56 -15.48 15.03
CA GLN B 186 2.52 -15.10 16.06
C GLN B 186 1.80 -14.87 17.38
N PRO B 187 2.52 -14.98 18.51
CA PRO B 187 2.01 -14.78 19.88
C PRO B 187 1.39 -13.41 20.07
N ASP B 188 1.95 -12.39 19.41
CA ASP B 188 1.43 -11.02 19.51
C ASP B 188 0.23 -10.70 18.62
N GLY B 189 -0.22 -11.68 17.82
CA GLY B 189 -1.38 -11.49 16.97
C GLY B 189 -1.07 -11.28 15.50
N SER B 190 0.20 -11.00 15.20
CA SER B 190 0.59 -10.77 13.82
C SER B 190 0.81 -12.08 13.11
N PHE B 191 1.09 -12.00 11.81
CA PHE B 191 1.34 -13.17 10.97
C PHE B 191 2.62 -12.92 10.16
N LEU B 192 3.40 -13.96 9.94
CA LEU B 192 4.59 -13.78 9.11
C LEU B 192 4.04 -13.85 7.69
N MET B 193 4.73 -13.26 6.71
CA MET B 193 4.27 -13.34 5.32
C MET B 193 4.52 -14.75 4.80
N HIS B 194 5.53 -15.40 5.36
CA HIS B 194 5.92 -16.76 5.04
C HIS B 194 6.87 -17.21 6.17
N VAL B 195 7.22 -18.48 6.20
CA VAL B 195 8.11 -18.99 7.23
C VAL B 195 9.50 -18.42 7.07
N GLY B 196 10.07 -17.96 8.17
CA GLY B 196 11.40 -17.37 8.15
C GLY B 196 11.36 -16.04 7.42
N GLY B 197 10.15 -15.47 7.37
CA GLY B 197 9.92 -14.22 6.70
C GLY B 197 9.51 -13.09 7.60
N GLU B 198 9.21 -11.96 6.98
CA GLU B 198 8.82 -10.74 7.69
C GLU B 198 7.34 -10.59 8.09
N VAL B 199 7.09 -9.64 9.00
CA VAL B 199 5.75 -9.33 9.48
C VAL B 199 5.35 -7.89 9.14
N ASP B 200 4.11 -7.71 8.73
CA ASP B 200 3.54 -6.37 8.48
C ASP B 200 2.03 -6.51 8.31
N VAL B 201 1.30 -5.40 8.28
CA VAL B 201 -0.15 -5.43 8.17
C VAL B 201 -0.74 -6.18 6.96
N ARG B 202 0.05 -6.37 5.91
CA ARG B 202 -0.41 -7.08 4.72
C ARG B 202 -0.70 -8.56 5.03
N SER B 203 0.14 -9.19 5.85
CA SER B 203 -0.01 -10.62 6.17
C SER B 203 -1.32 -10.93 6.90
N ALA B 204 -1.75 -9.99 7.74
CA ALA B 204 -2.99 -10.15 8.49
C ALA B 204 -4.16 -10.09 7.53
N TYR B 205 -4.10 -9.17 6.56
CA TYR B 205 -5.15 -9.04 5.56
C TYR B 205 -5.20 -10.23 4.61
N CYS B 206 -4.03 -10.73 4.20
CA CYS B 206 -3.98 -11.89 3.30
C CYS B 206 -4.61 -13.08 4.00
N ALA B 207 -4.35 -13.19 5.31
CA ALA B 207 -4.87 -14.29 6.11
C ALA B 207 -6.37 -14.17 6.34
N ALA B 208 -6.80 -13.01 6.79
CA ALA B 208 -8.21 -12.77 7.06
C ALA B 208 -9.06 -12.94 5.80
N SER B 209 -8.48 -12.57 4.65
CA SER B 209 -9.16 -12.67 3.37
C SER B 209 -9.39 -14.10 2.90
N VAL B 210 -8.33 -14.91 2.87
CA VAL B 210 -8.40 -16.31 2.44
C VAL B 210 -9.14 -17.23 3.42
N ALA B 211 -9.07 -16.92 4.72
CA ALA B 211 -9.72 -17.74 5.74
C ALA B 211 -11.20 -17.50 5.78
N SER B 212 -11.59 -16.24 5.62
CA SER B 212 -13.01 -15.89 5.61
C SER B 212 -13.68 -16.43 4.34
N LEU B 213 -13.09 -16.14 3.18
CA LEU B 213 -13.63 -16.61 1.90
C LEU B 213 -13.76 -18.13 1.85
N THR B 214 -12.76 -18.84 2.38
CA THR B 214 -12.79 -20.30 2.39
C THR B 214 -13.40 -20.94 3.63
N ASN B 215 -13.88 -20.13 4.58
CA ASN B 215 -14.49 -20.65 5.80
C ASN B 215 -13.58 -21.56 6.63
N ILE B 216 -12.39 -21.10 6.97
CA ILE B 216 -11.49 -21.91 7.79
C ILE B 216 -11.14 -21.17 9.07
N ILE B 217 -11.93 -20.16 9.41
CA ILE B 217 -11.64 -19.40 10.61
C ILE B 217 -12.03 -20.17 11.88
N THR B 218 -11.04 -20.57 12.66
CA THR B 218 -11.32 -21.26 13.89
C THR B 218 -11.49 -20.14 14.92
N PRO B 219 -11.77 -20.47 16.19
CA PRO B 219 -11.97 -19.44 17.22
C PRO B 219 -10.76 -18.66 17.68
N ASP B 220 -9.61 -19.29 17.67
CA ASP B 220 -8.39 -18.64 18.12
C ASP B 220 -7.46 -18.25 16.98
N LEU B 221 -7.82 -18.53 15.74
CA LEU B 221 -6.95 -18.19 14.61
C LEU B 221 -6.49 -16.73 14.58
N PHE B 222 -7.42 -15.78 14.74
CA PHE B 222 -7.10 -14.36 14.69
C PHE B 222 -7.13 -13.71 16.05
N GLU B 223 -6.76 -14.50 17.05
CA GLU B 223 -6.71 -14.03 18.43
C GLU B 223 -5.62 -13.00 18.56
N GLY B 224 -5.99 -11.81 18.98
CA GLY B 224 -5.01 -10.76 19.15
C GLY B 224 -4.59 -10.07 17.87
N THR B 225 -5.20 -10.40 16.75
CA THR B 225 -4.82 -9.78 15.48
C THR B 225 -5.36 -8.37 15.36
N ALA B 226 -6.60 -8.16 15.83
CA ALA B 226 -7.22 -6.84 15.76
C ALA B 226 -6.44 -5.86 16.62
N GLU B 227 -5.92 -6.37 17.74
CA GLU B 227 -5.14 -5.53 18.64
C GLU B 227 -3.81 -5.15 18.02
N TRP B 228 -3.12 -6.11 17.41
CA TRP B 228 -1.85 -5.86 16.75
C TRP B 228 -2.02 -4.82 15.60
N ILE B 229 -3.06 -4.99 14.78
CA ILE B 229 -3.32 -4.06 13.68
C ILE B 229 -3.62 -2.66 14.22
N ALA B 230 -4.35 -2.59 15.34
CA ALA B 230 -4.68 -1.30 15.97
C ALA B 230 -3.39 -0.56 16.40
N ARG B 231 -2.35 -1.31 16.76
CA ARG B 231 -1.07 -0.73 17.17
C ARG B 231 -0.34 -0.12 15.97
N CYS B 232 -0.80 -0.46 14.76
CA CYS B 232 -0.18 0.05 13.56
C CYS B 232 -0.73 1.42 13.20
N GLN B 233 -1.81 1.85 13.86
CA GLN B 233 -2.37 3.16 13.57
C GLN B 233 -1.50 4.15 14.32
N ASN B 234 -1.04 5.20 13.65
CA ASN B 234 -0.15 6.18 14.29
C ASN B 234 -0.74 7.59 14.40
N TRP B 235 0.11 8.51 14.86
CA TRP B 235 -0.23 9.91 15.06
C TRP B 235 -0.91 10.59 13.87
N GLU B 236 -0.77 10.02 12.67
CA GLU B 236 -1.37 10.59 11.48
C GLU B 236 -2.83 10.20 11.23
N GLY B 237 -3.28 9.11 11.85
CA GLY B 237 -4.64 8.67 11.62
C GLY B 237 -4.60 7.45 10.69
N GLY B 238 -3.54 7.36 9.89
CA GLY B 238 -3.42 6.25 8.99
C GLY B 238 -2.72 5.10 9.71
N ILE B 239 -2.37 4.07 8.95
CA ILE B 239 -1.72 2.85 9.46
C ILE B 239 -0.44 2.54 8.71
N GLY B 240 0.60 2.15 9.46
CA GLY B 240 1.90 1.83 8.86
C GLY B 240 2.08 0.33 8.77
N GLY B 241 3.15 -0.12 8.13
CA GLY B 241 3.38 -1.55 7.97
C GLY B 241 3.48 -2.34 9.26
N VAL B 242 4.13 -1.75 10.25
CA VAL B 242 4.31 -2.33 11.58
C VAL B 242 4.22 -1.14 12.55
N PRO B 243 4.00 -1.38 13.86
CA PRO B 243 3.91 -0.25 14.79
C PRO B 243 5.14 0.68 14.74
N GLY B 244 4.89 1.98 14.66
CA GLY B 244 5.96 2.96 14.62
C GLY B 244 6.19 3.55 13.25
N MET B 245 5.78 2.83 12.21
CA MET B 245 5.98 3.27 10.83
C MET B 245 5.02 4.31 10.31
N GLU B 246 5.51 5.08 9.35
CA GLU B 246 4.75 6.13 8.70
C GLU B 246 3.49 5.54 8.12
N ALA B 247 2.41 6.32 8.17
CA ALA B 247 1.11 5.90 7.65
C ALA B 247 1.13 5.79 6.13
N HIS B 248 0.69 4.64 5.61
CA HIS B 248 0.70 4.40 4.17
C HIS B 248 -0.64 3.88 3.67
N GLY B 249 -0.98 4.30 2.45
CA GLY B 249 -2.22 3.91 1.79
C GLY B 249 -2.36 2.43 1.58
N GLY B 250 -1.30 1.75 1.17
CA GLY B 250 -1.40 0.31 0.96
C GLY B 250 -1.63 -0.46 2.26
N TYR B 251 -0.88 -0.11 3.31
CA TYR B 251 -0.99 -0.74 4.61
C TYR B 251 -2.27 -0.36 5.31
N THR B 252 -2.77 0.87 5.11
CA THR B 252 -4.01 1.30 5.75
C THR B 252 -5.25 0.53 5.22
N PHE B 253 -5.25 0.22 3.92
CA PHE B 253 -6.35 -0.54 3.33
C PHE B 253 -6.30 -1.93 3.96
N CYS B 254 -5.12 -2.56 3.99
CA CYS B 254 -4.97 -3.90 4.56
C CYS B 254 -5.40 -3.97 6.01
N GLY B 255 -4.97 -3.00 6.81
CA GLY B 255 -5.33 -2.92 8.22
C GLY B 255 -6.83 -2.76 8.41
N LEU B 256 -7.46 -1.80 7.74
CA LEU B 256 -8.91 -1.61 7.90
C LEU B 256 -9.75 -2.74 7.30
N ALA B 257 -9.42 -3.20 6.10
CA ALA B 257 -10.17 -4.28 5.46
C ALA B 257 -10.14 -5.55 6.31
N ALA B 258 -8.98 -5.79 6.94
CA ALA B 258 -8.78 -6.96 7.79
C ALA B 258 -9.68 -6.85 9.01
N LEU B 259 -9.76 -5.64 9.55
CA LEU B 259 -10.60 -5.37 10.72
C LEU B 259 -12.10 -5.55 10.41
N VAL B 260 -12.51 -5.19 9.20
CA VAL B 260 -13.90 -5.33 8.77
C VAL B 260 -14.23 -6.80 8.71
N ILE B 261 -13.32 -7.60 8.15
CA ILE B 261 -13.50 -9.06 8.06
C ILE B 261 -13.66 -9.65 9.49
N LEU B 262 -12.85 -9.15 10.41
CA LEU B 262 -12.86 -9.61 11.80
C LEU B 262 -13.93 -8.92 12.66
N LYS B 263 -14.67 -7.99 12.05
CA LYS B 263 -15.71 -7.25 12.76
C LYS B 263 -15.16 -6.49 13.97
N LYS B 264 -13.96 -5.91 13.80
CA LYS B 264 -13.29 -5.16 14.85
C LYS B 264 -12.88 -3.76 14.42
N GLU B 265 -13.52 -3.23 13.39
CA GLU B 265 -13.17 -1.88 12.88
C GLU B 265 -13.12 -0.87 14.00
N ARG B 266 -13.97 -1.07 15.00
CA ARG B 266 -14.03 -0.16 16.12
C ARG B 266 -12.74 -0.07 16.93
N SER B 267 -11.81 -1.01 16.71
CA SER B 267 -10.52 -0.99 17.41
C SER B 267 -9.63 0.18 16.94
N LEU B 268 -10.04 0.83 15.85
CA LEU B 268 -9.30 1.97 15.30
C LEU B 268 -10.01 3.26 15.62
N ASN B 269 -9.25 4.34 15.59
CA ASN B 269 -9.84 5.65 15.78
C ASN B 269 -10.28 5.97 14.35
N LEU B 270 -11.51 5.59 14.03
CA LEU B 270 -12.07 5.79 12.70
C LEU B 270 -12.13 7.24 12.26
N LYS B 271 -12.22 8.15 13.20
CA LYS B 271 -12.29 9.56 12.85
C LYS B 271 -10.99 10.11 12.35
N SER B 272 -9.90 9.84 13.07
CA SER B 272 -8.59 10.33 12.64
C SER B 272 -8.17 9.66 11.33
N LEU B 273 -8.64 8.42 11.12
CA LEU B 273 -8.33 7.65 9.91
C LEU B 273 -9.08 8.29 8.74
N LEU B 274 -10.33 8.66 9.00
CA LEU B 274 -11.19 9.30 8.00
C LEU B 274 -10.55 10.62 7.57
N GLN B 275 -10.05 11.37 8.54
CA GLN B 275 -9.40 12.63 8.24
C GLN B 275 -8.11 12.41 7.43
N TRP B 276 -7.33 11.39 7.80
CA TRP B 276 -6.09 11.06 7.09
C TRP B 276 -6.31 10.62 5.62
N VAL B 277 -7.17 9.64 5.37
CA VAL B 277 -7.40 9.17 4.01
C VAL B 277 -7.96 10.23 3.09
N THR B 278 -8.86 11.06 3.60
CA THR B 278 -9.45 12.11 2.76
C THR B 278 -8.43 13.20 2.46
N SER B 279 -7.47 13.39 3.35
CA SER B 279 -6.41 14.38 3.13
C SER B 279 -5.39 13.89 2.10
N ARG B 280 -5.53 12.65 1.66
CA ARG B 280 -4.59 12.07 0.73
C ARG B 280 -4.98 12.33 -0.70
N GLN B 281 -6.18 12.87 -0.91
CA GLN B 281 -6.57 13.16 -2.29
C GLN B 281 -5.88 14.48 -2.64
N MET B 282 -5.28 14.51 -3.82
CA MET B 282 -4.56 15.70 -4.27
C MET B 282 -5.54 16.70 -4.87
N ARG B 283 -5.62 17.89 -4.26
CA ARG B 283 -6.53 18.96 -4.70
C ARG B 283 -6.37 19.30 -6.18
N PHE B 284 -5.13 19.20 -6.68
CA PHE B 284 -4.85 19.48 -8.07
C PHE B 284 -5.03 18.28 -8.99
N GLU B 285 -4.20 17.27 -8.81
CA GLU B 285 -4.24 16.09 -9.67
C GLU B 285 -5.55 15.34 -9.62
N GLY B 286 -6.19 15.34 -8.45
CA GLY B 286 -7.47 14.66 -8.28
C GLY B 286 -7.34 13.21 -7.85
N GLY B 287 -6.16 12.63 -8.06
CA GLY B 287 -5.91 11.26 -7.65
C GLY B 287 -5.37 11.22 -6.21
N PHE B 288 -5.07 10.02 -5.72
CA PHE B 288 -4.55 9.86 -4.35
C PHE B 288 -3.06 9.60 -4.26
N GLN B 289 -2.46 10.15 -3.21
CA GLN B 289 -1.04 9.96 -2.91
C GLN B 289 -0.99 8.86 -1.82
N GLY B 290 0.14 8.15 -1.76
CA GLY B 290 0.28 7.05 -0.82
C GLY B 290 0.47 7.42 0.62
N ARG B 291 1.23 8.48 0.86
CA ARG B 291 1.52 8.97 2.19
C ARG B 291 1.68 10.48 2.07
N CYS B 292 1.49 11.21 3.16
CA CYS B 292 1.60 12.66 3.09
C CYS B 292 2.90 13.19 2.48
N ASN B 293 2.79 14.19 1.63
CA ASN B 293 3.95 14.80 0.99
C ASN B 293 4.71 13.96 -0.03
N LYS B 294 4.02 12.99 -0.61
CA LYS B 294 4.58 12.17 -1.67
C LYS B 294 3.72 12.38 -2.91
N LEU B 295 4.00 11.67 -3.98
CA LEU B 295 3.29 11.87 -5.24
C LEU B 295 2.04 11.06 -5.46
N VAL B 296 1.16 11.62 -6.27
CA VAL B 296 -0.07 10.97 -6.63
C VAL B 296 0.33 9.71 -7.40
N ASP B 297 -0.54 8.70 -7.42
CA ASP B 297 -0.26 7.46 -8.14
C ASP B 297 -1.61 6.78 -8.31
N GLY B 298 -1.88 6.36 -9.53
CA GLY B 298 -3.13 5.74 -9.87
C GLY B 298 -3.52 4.49 -9.13
N CYS B 299 -2.56 3.71 -8.65
CA CYS B 299 -2.93 2.48 -7.95
C CYS B 299 -3.61 2.82 -6.65
N TYR B 300 -3.35 4.02 -6.13
CA TYR B 300 -3.96 4.47 -4.89
C TYR B 300 -5.43 4.87 -5.07
N SER B 301 -5.89 4.81 -6.32
CA SER B 301 -7.29 5.10 -6.60
C SER B 301 -8.07 4.00 -5.87
N PHE B 302 -7.42 2.85 -5.64
CA PHE B 302 -8.03 1.74 -4.91
C PHE B 302 -7.66 1.63 -3.41
N TRP B 303 -6.37 1.53 -3.09
CA TRP B 303 -5.95 1.40 -1.69
C TRP B 303 -6.43 2.53 -0.82
N GLN B 304 -6.41 3.76 -1.33
CA GLN B 304 -6.87 4.91 -0.53
C GLN B 304 -8.38 5.15 -0.69
N ALA B 305 -8.86 5.29 -1.93
CA ALA B 305 -10.27 5.54 -2.16
C ALA B 305 -11.10 4.37 -1.67
N GLY B 306 -10.57 3.14 -1.78
CA GLY B 306 -11.27 1.94 -1.35
C GLY B 306 -11.59 1.93 0.13
N LEU B 307 -10.88 2.76 0.89
CA LEU B 307 -11.10 2.89 2.33
C LEU B 307 -12.42 3.58 2.67
N LEU B 308 -12.82 4.55 1.85
CA LEU B 308 -14.07 5.27 2.10
C LEU B 308 -15.30 4.36 2.13
N PRO B 309 -15.42 3.40 1.22
CA PRO B 309 -16.58 2.53 1.30
C PRO B 309 -16.54 1.77 2.62
N LEU B 310 -15.34 1.32 2.99
CA LEU B 310 -15.14 0.58 4.24
C LEU B 310 -15.51 1.39 5.47
N LEU B 311 -15.11 2.67 5.49
CA LEU B 311 -15.39 3.58 6.58
C LEU B 311 -16.86 3.93 6.63
N HIS B 312 -17.48 3.96 5.45
CA HIS B 312 -18.89 4.28 5.35
C HIS B 312 -19.69 3.22 6.11
N ARG B 313 -19.44 1.97 5.74
CA ARG B 313 -20.06 0.81 6.34
C ARG B 313 -19.85 0.80 7.85
N ALA B 314 -18.61 1.04 8.29
CA ALA B 314 -18.31 1.01 9.72
C ALA B 314 -19.00 2.08 10.55
N LEU B 315 -18.98 3.32 10.07
CA LEU B 315 -19.59 4.44 10.78
C LEU B 315 -21.10 4.30 10.76
N HIS B 316 -21.61 3.69 9.70
CA HIS B 316 -23.03 3.49 9.56
C HIS B 316 -23.42 2.35 10.50
N ALA B 317 -22.48 1.45 10.76
CA ALA B 317 -22.70 0.32 11.66
C ALA B 317 -22.82 0.90 13.06
N GLN B 318 -22.14 2.02 13.27
CA GLN B 318 -22.18 2.71 14.55
C GLN B 318 -23.39 3.66 14.49
N GLY B 319 -24.21 3.51 13.45
CA GLY B 319 -25.37 4.35 13.26
C GLY B 319 -25.01 5.82 13.17
N ASP B 320 -24.19 6.18 12.20
CA ASP B 320 -23.81 7.57 12.03
C ASP B 320 -24.90 8.21 11.19
N PRO B 321 -25.54 9.25 11.74
CA PRO B 321 -26.62 9.99 11.06
C PRO B 321 -26.18 10.96 9.94
N ALA B 322 -24.99 11.55 10.06
CA ALA B 322 -24.48 12.50 9.09
C ALA B 322 -23.93 11.92 7.78
N LEU B 323 -23.84 10.62 7.68
CA LEU B 323 -23.32 9.97 6.48
C LEU B 323 -24.13 10.20 5.21
N SER B 324 -23.47 10.46 4.09
CA SER B 324 -24.17 10.71 2.82
C SER B 324 -24.99 9.52 2.33
N MET B 325 -26.05 9.82 1.59
CA MET B 325 -26.95 8.80 1.06
C MET B 325 -26.75 8.58 -0.42
N SER B 326 -25.77 9.28 -0.99
CA SER B 326 -25.50 9.17 -2.42
C SER B 326 -24.01 9.13 -2.82
N HIS B 327 -23.13 9.61 -1.95
CA HIS B 327 -21.70 9.67 -2.26
C HIS B 327 -20.68 9.17 -1.22
N TRP B 328 -19.52 8.71 -1.71
CA TRP B 328 -18.42 8.28 -0.84
C TRP B 328 -17.79 9.58 -0.36
N MET B 329 -17.10 9.54 0.78
CA MET B 329 -16.50 10.73 1.36
C MET B 329 -15.18 11.24 0.76
N PHE B 330 -15.08 11.20 -0.56
CA PHE B 330 -13.95 11.70 -1.32
C PHE B 330 -14.53 12.25 -2.61
N HIS B 331 -13.77 13.08 -3.32
CA HIS B 331 -14.27 13.62 -4.57
C HIS B 331 -14.21 12.57 -5.68
N GLN B 332 -15.34 11.89 -5.91
CA GLN B 332 -15.42 10.83 -6.93
C GLN B 332 -15.19 11.32 -8.36
N GLN B 333 -15.58 12.56 -8.62
CA GLN B 333 -15.46 13.16 -9.94
C GLN B 333 -13.97 13.39 -10.30
N ALA B 334 -13.24 14.06 -9.40
CA ALA B 334 -11.82 14.36 -9.60
C ALA B 334 -11.03 13.07 -9.78
N LEU B 335 -11.31 12.06 -8.96
CA LEU B 335 -10.60 10.80 -9.08
C LEU B 335 -10.81 10.18 -10.46
N GLN B 336 -12.06 10.11 -10.91
CA GLN B 336 -12.38 9.52 -12.22
C GLN B 336 -11.73 10.28 -13.37
N GLU B 337 -11.57 11.59 -13.19
CA GLU B 337 -10.94 12.46 -14.17
C GLU B 337 -9.43 12.18 -14.22
N TYR B 338 -8.79 12.04 -13.04
CA TYR B 338 -7.36 11.72 -13.00
C TYR B 338 -7.12 10.38 -13.72
N ILE B 339 -7.85 9.34 -13.31
CA ILE B 339 -7.70 8.04 -13.93
C ILE B 339 -7.93 8.04 -15.46
N LEU B 340 -9.02 8.66 -15.90
CA LEU B 340 -9.35 8.68 -17.32
C LEU B 340 -8.46 9.53 -18.22
N MET B 341 -8.16 10.76 -17.79
CA MET B 341 -7.31 11.66 -18.58
C MET B 341 -5.82 11.35 -18.39
N CYS B 342 -5.42 11.14 -17.14
CA CYS B 342 -4.02 10.89 -16.81
C CYS B 342 -3.47 9.47 -16.69
N CYS B 343 -4.32 8.45 -16.52
CA CYS B 343 -3.78 7.10 -16.33
C CYS B 343 -3.95 6.01 -17.37
N GLN B 344 -4.44 6.32 -18.56
CA GLN B 344 -4.57 5.25 -19.56
C GLN B 344 -3.48 5.33 -20.57
N CYS B 345 -2.98 4.17 -20.94
CA CYS B 345 -1.96 4.10 -21.96
C CYS B 345 -2.74 3.85 -23.26
N PRO B 346 -2.47 4.67 -24.30
CA PRO B 346 -3.12 4.58 -25.63
C PRO B 346 -3.10 3.17 -26.20
N ALA B 347 -1.98 2.47 -25.97
CA ALA B 347 -1.82 1.09 -26.44
C ALA B 347 -2.63 0.07 -25.62
N GLY B 348 -3.22 0.53 -24.51
CA GLY B 348 -3.97 -0.38 -23.66
C GLY B 348 -3.25 -0.45 -22.32
N GLY B 349 -3.96 -0.74 -21.24
CA GLY B 349 -3.30 -0.79 -19.96
C GLY B 349 -3.35 0.58 -19.29
N LEU B 350 -3.29 0.58 -17.96
CA LEU B 350 -3.32 1.81 -17.17
C LEU B 350 -2.03 1.98 -16.38
N LEU B 351 -1.86 3.14 -15.76
CA LEU B 351 -0.61 3.39 -15.07
C LEU B 351 -0.61 4.32 -13.88
N ASP B 352 0.59 4.44 -13.30
CA ASP B 352 0.88 5.26 -12.13
C ASP B 352 0.50 6.70 -12.43
N LYS B 353 1.27 7.36 -13.28
CA LYS B 353 0.99 8.75 -13.60
C LYS B 353 1.54 8.95 -15.02
N PRO B 354 1.24 10.09 -15.65
CA PRO B 354 1.74 10.34 -17.01
C PRO B 354 3.26 10.19 -17.06
N GLY B 355 3.74 9.51 -18.09
CA GLY B 355 5.18 9.32 -18.22
C GLY B 355 5.66 7.98 -17.72
N LYS B 356 4.78 7.28 -17.00
CA LYS B 356 5.08 5.98 -16.44
C LYS B 356 4.69 4.92 -17.45
N SER B 357 5.26 3.72 -17.29
CA SER B 357 4.94 2.60 -18.16
C SER B 357 3.78 1.81 -17.59
N ARG B 358 2.96 1.28 -18.49
CA ARG B 358 1.81 0.49 -18.11
C ARG B 358 2.28 -0.86 -17.56
N ASP B 359 1.47 -1.42 -16.67
CA ASP B 359 1.72 -2.72 -16.10
C ASP B 359 0.40 -3.29 -15.61
N PHE B 360 0.35 -4.61 -15.45
CA PHE B 360 -0.87 -5.28 -15.02
C PHE B 360 -1.36 -4.92 -13.61
N TYR B 361 -0.43 -4.54 -12.73
CA TYR B 361 -0.74 -4.13 -11.37
C TYR B 361 -1.57 -2.83 -11.40
N HIS B 362 -1.04 -1.83 -12.08
CA HIS B 362 -1.72 -0.56 -12.19
C HIS B 362 -3.03 -0.60 -12.98
N THR B 363 -3.09 -1.51 -13.94
CA THR B 363 -4.29 -1.69 -14.73
C THR B 363 -5.37 -2.18 -13.75
N CYS B 364 -5.04 -3.20 -12.96
CA CYS B 364 -5.98 -3.74 -11.97
C CYS B 364 -6.46 -2.69 -10.98
N TYR B 365 -5.53 -1.93 -10.40
CA TYR B 365 -5.92 -0.94 -9.41
C TYR B 365 -6.49 0.37 -9.90
N CYS B 366 -6.13 0.76 -11.12
CA CYS B 366 -6.70 1.98 -11.68
C CYS B 366 -8.14 1.60 -12.02
N LEU B 367 -8.31 0.43 -12.61
CA LEU B 367 -9.65 -0.03 -12.95
C LEU B 367 -10.46 -0.25 -11.67
N SER B 368 -9.85 -0.88 -10.66
CA SER B 368 -10.55 -1.13 -9.40
C SER B 368 -10.98 0.16 -8.74
N GLY B 369 -10.12 1.15 -8.75
CA GLY B 369 -10.46 2.42 -8.14
C GLY B 369 -11.47 3.20 -8.93
N LEU B 370 -11.54 2.96 -10.25
CA LEU B 370 -12.50 3.66 -11.08
C LEU B 370 -13.91 3.19 -10.69
N SER B 371 -14.07 1.86 -10.60
CA SER B 371 -15.32 1.20 -10.21
C SER B 371 -15.79 1.70 -8.85
N ILE B 372 -14.87 1.83 -7.90
CA ILE B 372 -15.23 2.34 -6.59
C ILE B 372 -15.77 3.79 -6.71
N ALA B 373 -15.16 4.57 -7.60
CA ALA B 373 -15.54 5.96 -7.81
C ALA B 373 -16.92 6.11 -8.51
N GLN B 374 -17.27 5.13 -9.33
CA GLN B 374 -18.54 5.13 -10.04
C GLN B 374 -19.72 4.57 -9.27
N HIS B 375 -19.48 3.65 -8.34
CA HIS B 375 -20.58 3.01 -7.62
C HIS B 375 -20.71 3.24 -6.14
N PHE B 376 -21.83 3.84 -5.74
CA PHE B 376 -22.11 4.07 -4.33
C PHE B 376 -23.23 3.13 -3.89
N GLY B 377 -23.22 2.77 -2.60
CA GLY B 377 -24.22 1.88 -2.04
C GLY B 377 -24.15 1.92 -0.52
N SER B 378 -25.31 2.02 0.13
CA SER B 378 -25.41 2.04 1.59
C SER B 378 -26.79 1.55 2.02
N GLY B 379 -26.97 0.23 1.93
CA GLY B 379 -28.23 -0.40 2.29
C GLY B 379 -29.12 -0.53 1.07
N ALA B 380 -30.11 0.37 1.01
CA ALA B 380 -31.06 0.41 -0.09
C ALA B 380 -30.67 1.48 -1.12
N MET B 381 -29.69 2.30 -0.74
CA MET B 381 -29.16 3.37 -1.58
C MET B 381 -28.12 2.85 -2.57
N LEU B 382 -28.24 3.28 -3.84
CA LEU B 382 -27.33 2.90 -4.91
C LEU B 382 -27.19 4.06 -5.87
N HIS B 383 -26.09 4.81 -5.78
CA HIS B 383 -25.92 5.96 -6.63
C HIS B 383 -24.64 5.96 -7.47
N ASP B 384 -24.79 5.76 -8.78
CA ASP B 384 -23.65 5.77 -9.68
C ASP B 384 -23.26 7.18 -10.10
N VAL B 385 -21.99 7.34 -10.48
CA VAL B 385 -21.43 8.60 -10.96
C VAL B 385 -20.40 8.16 -12.00
N VAL B 386 -20.78 8.17 -13.27
CA VAL B 386 -19.91 7.77 -14.34
C VAL B 386 -19.53 9.00 -15.16
N MET B 387 -18.25 9.39 -15.11
CA MET B 387 -17.75 10.55 -15.86
C MET B 387 -17.45 10.07 -17.26
N GLY B 388 -17.59 10.97 -18.23
CA GLY B 388 -17.35 10.61 -19.63
C GLY B 388 -18.48 9.79 -20.26
N VAL B 389 -18.17 9.10 -21.36
CA VAL B 389 -19.17 8.30 -22.04
C VAL B 389 -19.65 7.21 -21.10
N PRO B 390 -20.98 7.07 -20.92
CA PRO B 390 -21.57 6.06 -20.04
C PRO B 390 -21.11 4.62 -20.30
N GLU B 391 -20.39 4.39 -21.41
CA GLU B 391 -19.85 3.05 -21.66
C GLU B 391 -18.65 2.90 -20.71
N ASN B 392 -18.37 3.97 -19.96
CA ASN B 392 -17.29 4.01 -18.99
C ASN B 392 -17.65 3.27 -17.71
N VAL B 393 -18.93 2.98 -17.49
CA VAL B 393 -19.36 2.27 -16.29
C VAL B 393 -18.80 0.86 -16.28
N LEU B 394 -18.19 0.48 -15.16
CA LEU B 394 -17.57 -0.83 -15.01
C LEU B 394 -18.34 -1.64 -13.99
N GLN B 395 -18.04 -2.93 -13.95
CA GLN B 395 -18.66 -3.81 -12.98
C GLN B 395 -18.25 -3.40 -11.56
N PRO B 396 -19.15 -3.52 -10.58
CA PRO B 396 -18.75 -3.13 -9.23
C PRO B 396 -17.73 -4.09 -8.58
N THR B 397 -16.98 -3.58 -7.60
CA THR B 397 -15.98 -4.39 -6.89
C THR B 397 -16.20 -4.34 -5.36
N HIS B 398 -16.07 -5.49 -4.71
CA HIS B 398 -16.24 -5.56 -3.26
C HIS B 398 -15.03 -4.88 -2.63
N PRO B 399 -15.26 -3.82 -1.84
CA PRO B 399 -14.18 -3.06 -1.20
C PRO B 399 -13.23 -3.75 -0.21
N VAL B 400 -13.60 -4.93 0.29
CA VAL B 400 -12.75 -5.68 1.21
C VAL B 400 -11.84 -6.65 0.47
N TYR B 401 -12.44 -7.47 -0.40
CA TYR B 401 -11.71 -8.48 -1.17
C TYR B 401 -11.16 -8.06 -2.52
N ASN B 402 -11.77 -7.02 -3.06
CA ASN B 402 -11.46 -6.48 -4.38
C ASN B 402 -11.65 -7.48 -5.52
N ILE B 403 -12.78 -8.15 -5.49
CA ILE B 403 -13.22 -9.07 -6.53
C ILE B 403 -14.71 -8.74 -6.60
N GLY B 404 -15.39 -9.13 -7.67
CA GLY B 404 -16.81 -8.82 -7.78
C GLY B 404 -17.64 -9.27 -6.58
N PRO B 405 -18.58 -8.42 -6.11
CA PRO B 405 -19.48 -8.68 -4.97
C PRO B 405 -20.19 -10.02 -5.08
N ASP B 406 -20.55 -10.37 -6.30
CA ASP B 406 -21.21 -11.63 -6.57
C ASP B 406 -20.29 -12.79 -6.30
N LYS B 407 -19.02 -12.63 -6.68
CA LYS B 407 -18.00 -13.67 -6.48
C LYS B 407 -17.78 -13.94 -5.00
N VAL B 408 -17.85 -12.87 -4.21
CA VAL B 408 -17.68 -13.00 -2.77
C VAL B 408 -18.86 -13.80 -2.17
N ILE B 409 -20.09 -13.40 -2.51
CA ILE B 409 -21.27 -14.11 -2.01
C ILE B 409 -21.25 -15.54 -2.48
N GLN B 410 -20.93 -15.73 -3.74
CA GLN B 410 -20.86 -17.05 -4.31
C GLN B 410 -19.82 -17.97 -3.64
N ALA B 411 -18.64 -17.42 -3.38
CA ALA B 411 -17.56 -18.18 -2.76
C ALA B 411 -17.83 -18.53 -1.32
N THR B 412 -18.21 -17.54 -0.50
CA THR B 412 -18.48 -17.78 0.92
C THR B 412 -19.65 -18.74 1.09
N THR B 413 -20.68 -18.58 0.27
CA THR B 413 -21.84 -19.46 0.30
C THR B 413 -21.42 -20.90 -0.03
N HIS B 414 -20.49 -21.04 -0.96
CA HIS B 414 -20.05 -22.36 -1.33
C HIS B 414 -19.29 -23.03 -0.21
N PHE B 415 -18.21 -22.39 0.23
CA PHE B 415 -17.34 -22.93 1.26
C PHE B 415 -18.01 -23.11 2.62
N LEU B 416 -19.15 -22.46 2.80
CA LEU B 416 -19.92 -22.59 4.03
C LEU B 416 -20.61 -23.96 4.06
N GLN B 417 -20.54 -24.69 2.96
CA GLN B 417 -21.11 -26.04 2.86
C GLN B 417 -20.12 -26.98 3.53
N LYS B 418 -18.89 -26.52 3.65
CA LYS B 418 -17.87 -27.32 4.28
C LYS B 418 -17.73 -26.77 5.67
N PRO B 419 -17.39 -27.62 6.63
CA PRO B 419 -17.22 -27.12 7.99
C PRO B 419 -15.78 -26.69 8.17
N VAL B 420 -15.53 -25.88 9.20
CA VAL B 420 -14.19 -25.41 9.51
C VAL B 420 -13.35 -26.62 9.95
N PRO B 421 -12.21 -26.87 9.28
CA PRO B 421 -11.33 -28.01 9.61
C PRO B 421 -11.06 -28.19 11.12
N GLY B 422 -11.48 -29.33 11.65
CA GLY B 422 -11.27 -29.63 13.07
C GLY B 422 -9.91 -30.26 13.39
N PHE B 423 -9.32 -30.88 12.36
CA PHE B 423 -8.00 -31.57 12.42
C PHE B 423 -7.96 -33.05 12.91
#